data_291D
# 
_entry.id   291D 
# 
_audit_conform.dict_name       mmcif_pdbx.dic 
_audit_conform.dict_version    5.387 
_audit_conform.dict_location   http://mmcif.pdb.org/dictionaries/ascii/mmcif_pdbx.dic 
# 
loop_
_database_2.database_id 
_database_2.database_code 
_database_2.pdbx_database_accession 
_database_2.pdbx_DOI 
PDB   291D         pdb_0000291d 10.2210/pdb291d/pdb 
RCSB  BDLS80       ?            ?                   
WWPDB D_1000177704 ?            ?                   
# 
loop_
_pdbx_audit_revision_history.ordinal 
_pdbx_audit_revision_history.data_content_type 
_pdbx_audit_revision_history.major_revision 
_pdbx_audit_revision_history.minor_revision 
_pdbx_audit_revision_history.revision_date 
1 'Structure model' 1 0 1996-11-12 
2 'Structure model' 1 1 2008-05-22 
3 'Structure model' 1 2 2011-07-13 
4 'Structure model' 1 3 2024-02-14 
# 
_pdbx_audit_revision_details.ordinal             1 
_pdbx_audit_revision_details.revision_ordinal    1 
_pdbx_audit_revision_details.data_content_type   'Structure model' 
_pdbx_audit_revision_details.provider            repository 
_pdbx_audit_revision_details.type                'Initial release' 
_pdbx_audit_revision_details.description         ? 
_pdbx_audit_revision_details.details             ? 
# 
loop_
_pdbx_audit_revision_group.ordinal 
_pdbx_audit_revision_group.revision_ordinal 
_pdbx_audit_revision_group.data_content_type 
_pdbx_audit_revision_group.group 
1 2 'Structure model' 'Version format compliance' 
2 3 'Structure model' 'Version format compliance' 
3 4 'Structure model' 'Data collection'           
4 4 'Structure model' 'Database references'       
5 4 'Structure model' 'Derived calculations'      
# 
loop_
_pdbx_audit_revision_category.ordinal 
_pdbx_audit_revision_category.revision_ordinal 
_pdbx_audit_revision_category.data_content_type 
_pdbx_audit_revision_category.category 
1 4 'Structure model' chem_comp_atom         
2 4 'Structure model' chem_comp_bond         
3 4 'Structure model' database_2             
4 4 'Structure model' pdbx_struct_conn_angle 
5 4 'Structure model' struct_conn            
6 4 'Structure model' struct_conn_type       
7 4 'Structure model' struct_site            
# 
loop_
_pdbx_audit_revision_item.ordinal 
_pdbx_audit_revision_item.revision_ordinal 
_pdbx_audit_revision_item.data_content_type 
_pdbx_audit_revision_item.item 
1  4 'Structure model' '_database_2.pdbx_DOI'                      
2  4 'Structure model' '_database_2.pdbx_database_accession'       
3  4 'Structure model' '_pdbx_struct_conn_angle.ptnr1_auth_seq_id' 
4  4 'Structure model' '_pdbx_struct_conn_angle.ptnr3_auth_seq_id' 
5  4 'Structure model' '_pdbx_struct_conn_angle.value'             
6  4 'Structure model' '_struct_conn.conn_type_id'                 
7  4 'Structure model' '_struct_conn.id'                           
8  4 'Structure model' '_struct_conn.pdbx_dist_value'              
9  4 'Structure model' '_struct_conn.pdbx_leaving_atom_flag'       
10 4 'Structure model' '_struct_conn.ptnr1_auth_asym_id'           
11 4 'Structure model' '_struct_conn.ptnr1_auth_comp_id'           
12 4 'Structure model' '_struct_conn.ptnr1_auth_seq_id'            
13 4 'Structure model' '_struct_conn.ptnr1_label_asym_id'          
14 4 'Structure model' '_struct_conn.ptnr1_label_atom_id'          
15 4 'Structure model' '_struct_conn.ptnr1_label_comp_id'          
16 4 'Structure model' '_struct_conn.ptnr1_label_seq_id'           
17 4 'Structure model' '_struct_conn.ptnr2_auth_asym_id'           
18 4 'Structure model' '_struct_conn.ptnr2_auth_comp_id'           
19 4 'Structure model' '_struct_conn.ptnr2_auth_seq_id'            
20 4 'Structure model' '_struct_conn.ptnr2_label_asym_id'          
21 4 'Structure model' '_struct_conn.ptnr2_label_atom_id'          
22 4 'Structure model' '_struct_conn.ptnr2_label_comp_id'          
23 4 'Structure model' '_struct_conn.ptnr2_label_seq_id'           
24 4 'Structure model' '_struct_conn_type.id'                      
25 4 'Structure model' '_struct_site.pdbx_auth_asym_id'            
26 4 'Structure model' '_struct_site.pdbx_auth_comp_id'            
27 4 'Structure model' '_struct_site.pdbx_auth_seq_id'             
# 
_pdbx_database_status.status_code                     REL 
_pdbx_database_status.entry_id                        291D 
_pdbx_database_status.recvd_initial_deposition_date   1996-10-10 
_pdbx_database_status.deposit_site                    NDB 
_pdbx_database_status.process_site                    NDB 
_pdbx_database_status.SG_entry                        . 
_pdbx_database_status.pdb_format_compatible           Y 
_pdbx_database_status.status_code_mr                  ? 
_pdbx_database_status.status_code_sf                  ? 
_pdbx_database_status.status_code_cs                  ? 
_pdbx_database_status.status_code_nmr_data            ? 
_pdbx_database_status.methods_development_category    ? 
# 
loop_
_audit_author.name 
_audit_author.pdbx_ordinal 
'Portmann, S.'   1 
'Altmann, K.-H.' 2 
'Reynes, N.'     3 
'Egli, M.'       4 
# 
_citation.id                        primary 
_citation.title                     
;Crystal Structures of Oligodeoxyribonucleotides Containing 6'-alpha-Methyl and 6'-alpha-Hydroxy Carbocyclic Thymidines
;
_citation.journal_abbrev            J.Am.Chem.Soc. 
_citation.journal_volume            119 
_citation.page_first                2396 
_citation.page_last                 2403 
_citation.year                      1997 
_citation.journal_id_ASTM           JACSAT 
_citation.country                   US 
_citation.journal_id_ISSN           0002-7863 
_citation.journal_id_CSD            0004 
_citation.book_publisher            ? 
_citation.pdbx_database_id_PubMed   -1 
_citation.pdbx_database_id_DOI      ? 
# 
loop_
_citation_author.citation_id 
_citation_author.name 
_citation_author.ordinal 
_citation_author.identifier_ORCID 
primary 'Portmann, S.'   1 ? 
primary 'Altmann, K.-H.' 2 ? 
primary 'Reynes, N.'     3 ? 
primary 'Egli, M.'       4 ? 
# 
loop_
_entity.id 
_entity.type 
_entity.src_method 
_entity.pdbx_description 
_entity.formula_weight 
_entity.pdbx_number_of_molecules 
_entity.pdbx_ec 
_entity.pdbx_mutation 
_entity.pdbx_fragment 
_entity.details 
1 polymer     syn 
;DNA (5'-D(*CP*GP*CP*GP*AP*AP*(T48)P*(T48)P*CP*GP*CP*G)-3')
;
3691.446 2  ? ? ? ? 
2 non-polymer syn 'MAGNESIUM ION'                                              24.305   1  ? ? ? ? 
3 water       nat water                                                        18.015   66 ? ? ? ? 
# 
_entity_poly.entity_id                      1 
_entity_poly.type                           polydeoxyribonucleotide 
_entity_poly.nstd_linkage                   no 
_entity_poly.nstd_monomer                   yes 
_entity_poly.pdbx_seq_one_letter_code       '(DC)(DG)(DC)(DG)(DA)(DA)(T48)(T48)(DC)(DG)(DC)(DG)' 
_entity_poly.pdbx_seq_one_letter_code_can   CGCGAATTCGCG 
_entity_poly.pdbx_strand_id                 A,B 
_entity_poly.pdbx_target_identifier         ? 
# 
loop_
_pdbx_entity_nonpoly.entity_id 
_pdbx_entity_nonpoly.name 
_pdbx_entity_nonpoly.comp_id 
2 'MAGNESIUM ION' MG  
3 water           HOH 
# 
loop_
_entity_poly_seq.entity_id 
_entity_poly_seq.num 
_entity_poly_seq.mon_id 
_entity_poly_seq.hetero 
1 1  DC  n 
1 2  DG  n 
1 3  DC  n 
1 4  DG  n 
1 5  DA  n 
1 6  DA  n 
1 7  T48 n 
1 8  T48 n 
1 9  DC  n 
1 10 DG  n 
1 11 DC  n 
1 12 DG  n 
# 
loop_
_chem_comp.id 
_chem_comp.type 
_chem_comp.mon_nstd_flag 
_chem_comp.name 
_chem_comp.pdbx_synonyms 
_chem_comp.formula 
_chem_comp.formula_weight 
DA  'DNA linking' y "2'-DEOXYADENOSINE-5'-MONOPHOSPHATE"                      ? 'C10 H14 N5 O6 P' 331.222 
DC  'DNA linking' y "2'-DEOXYCYTIDINE-5'-MONOPHOSPHATE"                       ? 'C9 H14 N3 O7 P'  307.197 
DG  'DNA linking' y "2'-DEOXYGUANOSINE-5'-MONOPHOSPHATE"                      ? 'C10 H14 N5 O7 P' 347.221 
HOH non-polymer   . WATER                                                     ? 'H2 O'            18.015  
MG  non-polymer   . 'MAGNESIUM ION'                                           ? 'Mg 2'            24.305  
T48 'DNA linking' n 
;6'-ALPHA-HYDROXY CARBOCYCLIC THYMIDINE 5'-MONOPHOSPHATE
;
? 'C11 H17 N2 O8 P' 336.235 
# 
loop_
_pdbx_poly_seq_scheme.asym_id 
_pdbx_poly_seq_scheme.entity_id 
_pdbx_poly_seq_scheme.seq_id 
_pdbx_poly_seq_scheme.mon_id 
_pdbx_poly_seq_scheme.ndb_seq_num 
_pdbx_poly_seq_scheme.pdb_seq_num 
_pdbx_poly_seq_scheme.auth_seq_num 
_pdbx_poly_seq_scheme.pdb_mon_id 
_pdbx_poly_seq_scheme.auth_mon_id 
_pdbx_poly_seq_scheme.pdb_strand_id 
_pdbx_poly_seq_scheme.pdb_ins_code 
_pdbx_poly_seq_scheme.hetero 
A 1 1  DC  1  1  1  DC  C  A . n 
A 1 2  DG  2  2  2  DG  G  A . n 
A 1 3  DC  3  3  3  DC  C  A . n 
A 1 4  DG  4  4  4  DG  G  A . n 
A 1 5  DA  5  5  5  DA  A  A . n 
A 1 6  DA  6  6  6  DA  A  A . n 
A 1 7  T48 7  7  7  T48 +T A . n 
A 1 8  T48 8  8  8  T48 +T A . n 
A 1 9  DC  9  9  9  DC  C  A . n 
A 1 10 DG  10 10 10 DG  G  A . n 
A 1 11 DC  11 11 11 DC  C  A . n 
A 1 12 DG  12 12 12 DG  G  A . n 
B 1 1  DC  1  13 13 DC  C  B . n 
B 1 2  DG  2  14 14 DG  G  B . n 
B 1 3  DC  3  15 15 DC  C  B . n 
B 1 4  DG  4  16 16 DG  G  B . n 
B 1 5  DA  5  17 17 DA  A  B . n 
B 1 6  DA  6  18 18 DA  A  B . n 
B 1 7  T48 7  19 19 T48 +T B . n 
B 1 8  T48 8  20 20 T48 +T B . n 
B 1 9  DC  9  21 21 DC  C  B . n 
B 1 10 DG  10 22 22 DG  G  B . n 
B 1 11 DC  11 23 23 DC  C  B . n 
B 1 12 DG  12 24 24 DG  G  B . n 
# 
loop_
_pdbx_nonpoly_scheme.asym_id 
_pdbx_nonpoly_scheme.entity_id 
_pdbx_nonpoly_scheme.mon_id 
_pdbx_nonpoly_scheme.ndb_seq_num 
_pdbx_nonpoly_scheme.pdb_seq_num 
_pdbx_nonpoly_scheme.auth_seq_num 
_pdbx_nonpoly_scheme.pdb_mon_id 
_pdbx_nonpoly_scheme.auth_mon_id 
_pdbx_nonpoly_scheme.pdb_strand_id 
_pdbx_nonpoly_scheme.pdb_ins_code 
C 2 MG  1  25 25 MG  MG  A . 
D 3 HOH 1  26 26 HOH HOH A . 
D 3 HOH 2  27 27 HOH HOH A . 
D 3 HOH 3  28 28 HOH HOH A . 
D 3 HOH 4  29 29 HOH HOH A . 
D 3 HOH 5  30 30 HOH HOH A . 
D 3 HOH 6  31 31 HOH HOH A . 
D 3 HOH 7  36 36 HOH HOH A . 
D 3 HOH 8  39 39 HOH HOH A . 
D 3 HOH 9  40 40 HOH HOH A . 
D 3 HOH 10 42 42 HOH HOH A . 
D 3 HOH 11 43 43 HOH HOH A . 
D 3 HOH 12 45 45 HOH HOH A . 
D 3 HOH 13 48 48 HOH HOH A . 
D 3 HOH 14 51 51 HOH HOH A . 
D 3 HOH 15 53 53 HOH HOH A . 
D 3 HOH 16 55 55 HOH HOH A . 
D 3 HOH 17 56 56 HOH HOH A . 
D 3 HOH 18 57 57 HOH HOH A . 
D 3 HOH 19 58 58 HOH HOH A . 
D 3 HOH 20 59 59 HOH HOH A . 
D 3 HOH 21 60 60 HOH HOH A . 
D 3 HOH 22 62 62 HOH HOH A . 
D 3 HOH 23 63 63 HOH HOH A . 
D 3 HOH 24 65 65 HOH HOH A . 
D 3 HOH 25 66 66 HOH HOH A . 
D 3 HOH 26 67 67 HOH HOH A . 
D 3 HOH 27 68 68 HOH HOH A . 
D 3 HOH 28 69 69 HOH HOH A . 
D 3 HOH 29 70 70 HOH HOH A . 
D 3 HOH 30 74 74 HOH HOH A . 
D 3 HOH 31 76 76 HOH HOH A . 
D 3 HOH 32 77 77 HOH HOH A . 
D 3 HOH 33 78 78 HOH HOH A . 
D 3 HOH 34 82 82 HOH HOH A . 
D 3 HOH 35 83 83 HOH HOH A . 
D 3 HOH 36 85 85 HOH HOH A . 
D 3 HOH 37 86 86 HOH HOH A . 
D 3 HOH 38 87 87 HOH HOH A . 
D 3 HOH 39 88 88 HOH HOH A . 
D 3 HOH 40 90 90 HOH HOH A . 
E 3 HOH 1  32 32 HOH HOH B . 
E 3 HOH 2  33 33 HOH HOH B . 
E 3 HOH 3  34 34 HOH HOH B . 
E 3 HOH 4  35 35 HOH HOH B . 
E 3 HOH 5  37 37 HOH HOH B . 
E 3 HOH 6  38 38 HOH HOH B . 
E 3 HOH 7  41 41 HOH HOH B . 
E 3 HOH 8  44 44 HOH HOH B . 
E 3 HOH 9  46 46 HOH HOH B . 
E 3 HOH 10 47 47 HOH HOH B . 
E 3 HOH 11 49 49 HOH HOH B . 
E 3 HOH 12 50 50 HOH HOH B . 
E 3 HOH 13 52 52 HOH HOH B . 
E 3 HOH 14 54 54 HOH HOH B . 
E 3 HOH 15 61 61 HOH HOH B . 
E 3 HOH 16 64 64 HOH HOH B . 
E 3 HOH 17 71 71 HOH HOH B . 
E 3 HOH 18 72 72 HOH HOH B . 
E 3 HOH 19 73 73 HOH HOH B . 
E 3 HOH 20 75 75 HOH HOH B . 
E 3 HOH 21 79 79 HOH HOH B . 
E 3 HOH 22 80 80 HOH HOH B . 
E 3 HOH 23 81 81 HOH HOH B . 
E 3 HOH 24 84 84 HOH HOH B . 
E 3 HOH 25 89 89 HOH HOH B . 
E 3 HOH 26 91 91 HOH HOH B . 
# 
loop_
_software.name 
_software.classification 
_software.version 
_software.citation_id 
_software.pdbx_ordinal 
X-PLOR    refinement       . ? 1 
DENZO     'data reduction' . ? 2 
SCALEPACK 'data scaling'   . ? 3 
# 
_cell.entry_id           291D 
_cell.length_a           24.880 
_cell.length_b           40.270 
_cell.length_c           66.490 
_cell.angle_alpha        90.00 
_cell.angle_beta         90.00 
_cell.angle_gamma        90.00 
_cell.Z_PDB              8 
_cell.pdbx_unique_axis   ? 
# 
_symmetry.entry_id                         291D 
_symmetry.space_group_name_H-M             'P 21 21 21' 
_symmetry.pdbx_full_space_group_name_H-M   ? 
_symmetry.cell_setting                     ? 
_symmetry.Int_Tables_number                19 
# 
_exptl.entry_id          291D 
_exptl.method            'X-RAY DIFFRACTION' 
_exptl.crystals_number   ? 
# 
_exptl_crystal.id                    1 
_exptl_crystal.density_meas          ? 
_exptl_crystal.density_Matthews      2.26 
_exptl_crystal.density_percent_sol   45.47 
_exptl_crystal.description           ? 
# 
_exptl_crystal_grow.crystal_id      1 
_exptl_crystal_grow.method          'VAPOR DIFFUSION, SITTING DROP' 
_exptl_crystal_grow.temp            ? 
_exptl_crystal_grow.temp_details    ? 
_exptl_crystal_grow.pH              6.90 
_exptl_crystal_grow.pdbx_details    'pH 6.90, VAPOR DIFFUSION, SITTING DROP' 
_exptl_crystal_grow.pdbx_pH_range   ? 
# 
loop_
_exptl_crystal_grow_comp.crystal_id 
_exptl_crystal_grow_comp.id 
_exptl_crystal_grow_comp.sol_id 
_exptl_crystal_grow_comp.name 
_exptl_crystal_grow_comp.volume 
_exptl_crystal_grow_comp.conc 
_exptl_crystal_grow_comp.details 
1 1 1 WATER           ? ? ? 
1 2 1 'NA CACODYLATE' ? ? ? 
1 3 1 'MG ACETATE'    ? ? ? 
1 4 1 SPERMINE_HCL    ? ? ? 
1 5 2 WATER           ? ? ? 
1 6 2 MPD             ? ? ? 
# 
_diffrn.id                     1 
_diffrn.ambient_temp           ? 
_diffrn.ambient_temp_details   'ROOM TEMPERATURE' 
_diffrn.crystal_id             1 
# 
_diffrn_detector.diffrn_id              1 
_diffrn_detector.detector               'IMAGE PLATE' 
_diffrn_detector.type                   'RIGAKU RAXIS II' 
_diffrn_detector.pdbx_collection_date   1996-01-19 
_diffrn_detector.details                ? 
# 
_diffrn_radiation.diffrn_id                        1 
_diffrn_radiation.wavelength_id                    1 
_diffrn_radiation.pdbx_monochromatic_or_laue_m_l   M 
_diffrn_radiation.monochromator                    ? 
_diffrn_radiation.pdbx_diffrn_protocol             ? 
_diffrn_radiation.pdbx_scattering_type             x-ray 
# 
_diffrn_radiation_wavelength.id           1 
_diffrn_radiation_wavelength.wavelength   . 
_diffrn_radiation_wavelength.wt           1.0 
# 
_diffrn_source.diffrn_id                   1 
_diffrn_source.source                      'ROTATING ANODE' 
_diffrn_source.type                        RIGAKU 
_diffrn_source.pdbx_synchrotron_site       ? 
_diffrn_source.pdbx_synchrotron_beamline   ? 
_diffrn_source.pdbx_wavelength             ? 
_diffrn_source.pdbx_wavelength_list        ? 
# 
_reflns.entry_id                     291D 
_reflns.observed_criterion_sigma_I   ? 
_reflns.observed_criterion_sigma_F   ? 
_reflns.d_resolution_low             ? 
_reflns.d_resolution_high            ? 
_reflns.number_obs                   ? 
_reflns.number_all                   ? 
_reflns.percent_possible_obs         ? 
_reflns.pdbx_Rmerge_I_obs            0.051 
_reflns.pdbx_Rsym_value              ? 
_reflns.pdbx_netI_over_sigmaI        ? 
_reflns.B_iso_Wilson_estimate        ? 
_reflns.pdbx_redundancy              ? 
_reflns.pdbx_diffrn_id               1 
_reflns.pdbx_ordinal                 1 
# 
_refine.entry_id                                 291D 
_refine.ls_number_reflns_obs                     3605 
_refine.ls_number_reflns_all                     ? 
_refine.pdbx_ls_sigma_I                          ? 
_refine.pdbx_ls_sigma_F                          2.000 
_refine.pdbx_data_cutoff_high_absF               ? 
_refine.pdbx_data_cutoff_low_absF                ? 
_refine.pdbx_data_cutoff_high_rms_absF           ? 
_refine.ls_d_res_low                             10.000 
_refine.ls_d_res_high                            2.140 
_refine.ls_percent_reflns_obs                    ? 
_refine.ls_R_factor_obs                          0.207 
_refine.ls_R_factor_all                          ? 
_refine.ls_R_factor_R_work                       0.207 
_refine.ls_R_factor_R_free                       0.329 
_refine.ls_R_factor_R_free_error                 ? 
_refine.ls_R_factor_R_free_error_details         ? 
_refine.ls_percent_reflns_R_free                 ? 
_refine.ls_number_reflns_R_free                  ? 
_refine.ls_number_parameters                     ? 
_refine.ls_number_restraints                     ? 
_refine.occupancy_min                            ? 
_refine.occupancy_max                            ? 
_refine.B_iso_mean                               ? 
_refine.aniso_B[1][1]                            ? 
_refine.aniso_B[2][2]                            ? 
_refine.aniso_B[3][3]                            ? 
_refine.aniso_B[1][2]                            ? 
_refine.aniso_B[1][3]                            ? 
_refine.aniso_B[2][3]                            ? 
_refine.solvent_model_details                    ? 
_refine.solvent_model_param_ksol                 ? 
_refine.solvent_model_param_bsol                 ? 
_refine.pdbx_ls_cross_valid_method               ? 
_refine.details                                  ? 
_refine.pdbx_starting_model                      ? 
_refine.pdbx_method_to_determine_struct          ? 
_refine.pdbx_isotropic_thermal_model             ? 
_refine.pdbx_stereochemistry_target_values       ? 
_refine.pdbx_stereochem_target_val_spec_case     ? 
_refine.pdbx_R_Free_selection_details            ? 
_refine.pdbx_overall_ESU_R                       ? 
_refine.pdbx_overall_ESU_R_Free                  ? 
_refine.overall_SU_ML                            ? 
_refine.overall_SU_B                             ? 
_refine.pdbx_refine_id                           'X-RAY DIFFRACTION' 
_refine.pdbx_diffrn_id                           1 
_refine.pdbx_TLS_residual_ADP_flag               ? 
_refine.correlation_coeff_Fo_to_Fc               ? 
_refine.correlation_coeff_Fo_to_Fc_free          ? 
_refine.pdbx_solvent_vdw_probe_radii             ? 
_refine.pdbx_solvent_ion_probe_radii             ? 
_refine.pdbx_solvent_shrinkage_radii             ? 
_refine.pdbx_overall_phase_error                 ? 
_refine.overall_SU_R_Cruickshank_DPI             ? 
_refine.pdbx_overall_SU_R_free_Cruickshank_DPI   ? 
_refine.pdbx_overall_SU_R_Blow_DPI               ? 
_refine.pdbx_overall_SU_R_free_Blow_DPI          ? 
# 
_refine_hist.pdbx_refine_id                   'X-RAY DIFFRACTION' 
_refine_hist.cycle_id                         LAST 
_refine_hist.pdbx_number_atoms_protein        0 
_refine_hist.pdbx_number_atoms_nucleic_acid   482 
_refine_hist.pdbx_number_atoms_ligand         9 
_refine_hist.number_atoms_solvent             66 
_refine_hist.number_atoms_total               557 
_refine_hist.d_res_high                       2.140 
_refine_hist.d_res_low                        10.000 
# 
loop_
_refine_ls_restr.type 
_refine_ls_restr.dev_ideal 
_refine_ls_restr.dev_ideal_target 
_refine_ls_restr.weight 
_refine_ls_restr.number 
_refine_ls_restr.pdbx_refine_id 
_refine_ls_restr.pdbx_restraint_function 
x_bond_d                0.017 ? ? ? 'X-RAY DIFFRACTION' ? 
x_bond_d_na             ?     ? ? ? 'X-RAY DIFFRACTION' ? 
x_bond_d_prot           ?     ? ? ? 'X-RAY DIFFRACTION' ? 
x_angle_d               ?     ? ? ? 'X-RAY DIFFRACTION' ? 
x_angle_d_na            ?     ? ? ? 'X-RAY DIFFRACTION' ? 
x_angle_d_prot          ?     ? ? ? 'X-RAY DIFFRACTION' ? 
x_angle_deg             3.36  ? ? ? 'X-RAY DIFFRACTION' ? 
x_angle_deg_na          ?     ? ? ? 'X-RAY DIFFRACTION' ? 
x_angle_deg_prot        ?     ? ? ? 'X-RAY DIFFRACTION' ? 
x_dihedral_angle_d      ?     ? ? ? 'X-RAY DIFFRACTION' ? 
x_dihedral_angle_d_na   ?     ? ? ? 'X-RAY DIFFRACTION' ? 
x_dihedral_angle_d_prot ?     ? ? ? 'X-RAY DIFFRACTION' ? 
x_improper_angle_d      ?     ? ? ? 'X-RAY DIFFRACTION' ? 
x_improper_angle_d_na   ?     ? ? ? 'X-RAY DIFFRACTION' ? 
x_improper_angle_d_prot ?     ? ? ? 'X-RAY DIFFRACTION' ? 
x_mcbond_it             ?     ? ? ? 'X-RAY DIFFRACTION' ? 
x_mcangle_it            ?     ? ? ? 'X-RAY DIFFRACTION' ? 
x_scbond_it             ?     ? ? ? 'X-RAY DIFFRACTION' ? 
x_scangle_it            ?     ? ? ? 'X-RAY DIFFRACTION' ? 
# 
_struct.entry_id                  291D 
_struct.title                     
;CRYSTAL STRUCTURES OF OLIGODEOXYRIBONUCLEOTIDES CONTAINING 6'-ALPHA-METHYL AND 6'-ALPHA-HYDROXY CARBOCYCLIC THYMIDINES
;
_struct.pdbx_model_details        ? 
_struct.pdbx_CASP_flag            ? 
_struct.pdbx_model_type_details   ? 
# 
_struct_keywords.entry_id        291D 
_struct_keywords.pdbx_keywords   DNA 
_struct_keywords.text            'B-DNA, DOUBLE HELIX, MODIFIED, CARBOCYCLUS, ANTISENSE, DNA' 
# 
loop_
_struct_asym.id 
_struct_asym.pdbx_blank_PDB_chainid_flag 
_struct_asym.pdbx_modified 
_struct_asym.entity_id 
_struct_asym.details 
A N N 1 ? 
B N N 1 ? 
C N N 2 ? 
D N N 3 ? 
E N N 3 ? 
# 
_struct_ref.id                         1 
_struct_ref.entity_id                  1 
_struct_ref.db_name                    PDB 
_struct_ref.db_code                    291D 
_struct_ref.pdbx_db_accession          291D 
_struct_ref.pdbx_db_isoform            ? 
_struct_ref.pdbx_seq_one_letter_code   ? 
_struct_ref.pdbx_align_begin           ? 
# 
loop_
_struct_ref_seq.align_id 
_struct_ref_seq.ref_id 
_struct_ref_seq.pdbx_PDB_id_code 
_struct_ref_seq.pdbx_strand_id 
_struct_ref_seq.seq_align_beg 
_struct_ref_seq.pdbx_seq_align_beg_ins_code 
_struct_ref_seq.seq_align_end 
_struct_ref_seq.pdbx_seq_align_end_ins_code 
_struct_ref_seq.pdbx_db_accession 
_struct_ref_seq.db_align_beg 
_struct_ref_seq.pdbx_db_align_beg_ins_code 
_struct_ref_seq.db_align_end 
_struct_ref_seq.pdbx_db_align_end_ins_code 
_struct_ref_seq.pdbx_auth_seq_align_beg 
_struct_ref_seq.pdbx_auth_seq_align_end 
1 1 291D A 1 ? 12 ? 291D 1  ? 12 ? 1  12 
2 1 291D B 1 ? 12 ? 291D 13 ? 24 ? 13 24 
# 
_pdbx_struct_assembly.id                   1 
_pdbx_struct_assembly.details              author_defined_assembly 
_pdbx_struct_assembly.method_details       ? 
_pdbx_struct_assembly.oligomeric_details   dimeric 
_pdbx_struct_assembly.oligomeric_count     2 
# 
_pdbx_struct_assembly_gen.assembly_id       1 
_pdbx_struct_assembly_gen.oper_expression   1 
_pdbx_struct_assembly_gen.asym_id_list      A,B,C,D,E 
# 
_pdbx_struct_oper_list.id                   1 
_pdbx_struct_oper_list.type                 'identity operation' 
_pdbx_struct_oper_list.name                 1_555 
_pdbx_struct_oper_list.symmetry_operation   x,y,z 
_pdbx_struct_oper_list.matrix[1][1]         1.0000000000 
_pdbx_struct_oper_list.matrix[1][2]         0.0000000000 
_pdbx_struct_oper_list.matrix[1][3]         0.0000000000 
_pdbx_struct_oper_list.vector[1]            0.0000000000 
_pdbx_struct_oper_list.matrix[2][1]         0.0000000000 
_pdbx_struct_oper_list.matrix[2][2]         1.0000000000 
_pdbx_struct_oper_list.matrix[2][3]         0.0000000000 
_pdbx_struct_oper_list.vector[2]            0.0000000000 
_pdbx_struct_oper_list.matrix[3][1]         0.0000000000 
_pdbx_struct_oper_list.matrix[3][2]         0.0000000000 
_pdbx_struct_oper_list.matrix[3][3]         1.0000000000 
_pdbx_struct_oper_list.vector[3]            0.0000000000 
# 
_struct_biol.id   1 
# 
loop_
_struct_conn.id 
_struct_conn.conn_type_id 
_struct_conn.pdbx_leaving_atom_flag 
_struct_conn.pdbx_PDB_id 
_struct_conn.ptnr1_label_asym_id 
_struct_conn.ptnr1_label_comp_id 
_struct_conn.ptnr1_label_seq_id 
_struct_conn.ptnr1_label_atom_id 
_struct_conn.pdbx_ptnr1_label_alt_id 
_struct_conn.pdbx_ptnr1_PDB_ins_code 
_struct_conn.pdbx_ptnr1_standard_comp_id 
_struct_conn.ptnr1_symmetry 
_struct_conn.ptnr2_label_asym_id 
_struct_conn.ptnr2_label_comp_id 
_struct_conn.ptnr2_label_seq_id 
_struct_conn.ptnr2_label_atom_id 
_struct_conn.pdbx_ptnr2_label_alt_id 
_struct_conn.pdbx_ptnr2_PDB_ins_code 
_struct_conn.ptnr1_auth_asym_id 
_struct_conn.ptnr1_auth_comp_id 
_struct_conn.ptnr1_auth_seq_id 
_struct_conn.ptnr2_auth_asym_id 
_struct_conn.ptnr2_auth_comp_id 
_struct_conn.ptnr2_auth_seq_id 
_struct_conn.ptnr2_symmetry 
_struct_conn.pdbx_ptnr3_label_atom_id 
_struct_conn.pdbx_ptnr3_label_seq_id 
_struct_conn.pdbx_ptnr3_label_comp_id 
_struct_conn.pdbx_ptnr3_label_asym_id 
_struct_conn.pdbx_ptnr3_label_alt_id 
_struct_conn.pdbx_ptnr3_PDB_ins_code 
_struct_conn.details 
_struct_conn.pdbx_dist_value 
_struct_conn.pdbx_value_order 
_struct_conn.pdbx_role 
covale1  covale both ? A DA  6  "O3'" ? ? ? 1_555 A T48 7  P  ? ? A DA  6  A T48 7  1_555 ? ? ? ? ? ? ?            1.553 ? ? 
covale2  covale one  ? A T48 7  "O3'" ? ? ? 1_555 A T48 8  P  ? ? A T48 7  A T48 8  1_555 ? ? ? ? ? ? ?            1.548 ? ? 
covale3  covale one  ? A T48 8  "O3'" ? ? ? 1_555 A DC  9  P  ? ? A T48 8  A DC  9  1_555 ? ? ? ? ? ? ?            1.617 ? ? 
covale4  covale both ? B DA  6  "O3'" ? ? ? 1_555 B T48 7  P  ? ? B DA  18 B T48 19 1_555 ? ? ? ? ? ? ?            1.609 ? ? 
covale5  covale one  ? B T48 7  "O3'" ? ? ? 1_555 B T48 8  P  ? ? B T48 19 B T48 20 1_555 ? ? ? ? ? ? ?            1.574 ? ? 
covale6  covale one  ? B T48 8  "O3'" ? ? ? 1_555 B DC  9  P  ? ? B T48 20 B DC  21 1_555 ? ? ? ? ? ? ?            1.584 ? ? 
metalc1  metalc ?    ? C MG  .  MG    ? ? ? 1_555 D HOH .  O  ? ? A MG  25 A HOH 26 1_555 ? ? ? ? ? ? ?            2.141 ? ? 
metalc2  metalc ?    ? C MG  .  MG    ? ? ? 1_555 D HOH .  O  ? ? A MG  25 A HOH 27 1_555 ? ? ? ? ? ? ?            2.153 ? ? 
metalc3  metalc ?    ? C MG  .  MG    ? ? ? 1_555 D HOH .  O  ? ? A MG  25 A HOH 28 1_555 ? ? ? ? ? ? ?            2.153 ? ? 
metalc4  metalc ?    ? C MG  .  MG    ? ? ? 1_555 D HOH .  O  ? ? A MG  25 A HOH 29 1_555 ? ? ? ? ? ? ?            2.177 ? ? 
metalc5  metalc ?    ? C MG  .  MG    ? ? ? 1_555 D HOH .  O  ? ? A MG  25 A HOH 30 1_555 ? ? ? ? ? ? ?            2.193 ? ? 
metalc6  metalc ?    ? C MG  .  MG    ? ? ? 1_555 D HOH .  O  ? ? A MG  25 A HOH 31 1_555 ? ? ? ? ? ? ?            2.118 ? ? 
hydrog1  hydrog ?    ? A DC  1  N3    ? ? ? 1_555 B DG  12 N1 ? ? A DC  1  B DG  24 1_555 ? ? ? ? ? ? WATSON-CRICK ?     ? ? 
hydrog2  hydrog ?    ? A DC  1  N4    ? ? ? 1_555 B DG  12 O6 ? ? A DC  1  B DG  24 1_555 ? ? ? ? ? ? WATSON-CRICK ?     ? ? 
hydrog3  hydrog ?    ? A DC  1  O2    ? ? ? 1_555 B DG  12 N2 ? ? A DC  1  B DG  24 1_555 ? ? ? ? ? ? WATSON-CRICK ?     ? ? 
hydrog4  hydrog ?    ? A DG  2  N1    ? ? ? 1_555 B DC  11 N3 ? ? A DG  2  B DC  23 1_555 ? ? ? ? ? ? WATSON-CRICK ?     ? ? 
hydrog5  hydrog ?    ? A DG  2  N2    ? ? ? 1_555 B DC  11 O2 ? ? A DG  2  B DC  23 1_555 ? ? ? ? ? ? WATSON-CRICK ?     ? ? 
hydrog6  hydrog ?    ? A DG  2  O6    ? ? ? 1_555 B DC  11 N4 ? ? A DG  2  B DC  23 1_555 ? ? ? ? ? ? WATSON-CRICK ?     ? ? 
hydrog7  hydrog ?    ? A DC  3  N3    ? ? ? 1_555 B DG  10 N1 ? ? A DC  3  B DG  22 1_555 ? ? ? ? ? ? WATSON-CRICK ?     ? ? 
hydrog8  hydrog ?    ? A DC  3  N4    ? ? ? 1_555 B DG  10 O6 ? ? A DC  3  B DG  22 1_555 ? ? ? ? ? ? WATSON-CRICK ?     ? ? 
hydrog9  hydrog ?    ? A DC  3  O2    ? ? ? 1_555 B DG  10 N2 ? ? A DC  3  B DG  22 1_555 ? ? ? ? ? ? WATSON-CRICK ?     ? ? 
hydrog10 hydrog ?    ? A DG  4  N1    ? ? ? 1_555 B DC  9  N3 ? ? A DG  4  B DC  21 1_555 ? ? ? ? ? ? WATSON-CRICK ?     ? ? 
hydrog11 hydrog ?    ? A DG  4  N2    ? ? ? 1_555 B DC  9  O2 ? ? A DG  4  B DC  21 1_555 ? ? ? ? ? ? WATSON-CRICK ?     ? ? 
hydrog12 hydrog ?    ? A DG  4  O6    ? ? ? 1_555 B DC  9  N4 ? ? A DG  4  B DC  21 1_555 ? ? ? ? ? ? WATSON-CRICK ?     ? ? 
hydrog13 hydrog ?    ? A DA  5  N1    ? ? ? 1_555 B T48 8  N3 ? ? A DA  5  B T48 20 1_555 ? ? ? ? ? ? WATSON-CRICK ?     ? ? 
hydrog14 hydrog ?    ? A DA  5  N6    ? ? ? 1_555 B T48 8  O4 ? ? A DA  5  B T48 20 1_555 ? ? ? ? ? ? WATSON-CRICK ?     ? ? 
hydrog15 hydrog ?    ? A DA  6  N1    ? ? ? 1_555 B T48 7  N3 ? ? A DA  6  B T48 19 1_555 ? ? ? ? ? ? WATSON-CRICK ?     ? ? 
hydrog16 hydrog ?    ? A DA  6  N6    ? ? ? 1_555 B T48 7  O4 ? ? A DA  6  B T48 19 1_555 ? ? ? ? ? ? WATSON-CRICK ?     ? ? 
hydrog17 hydrog ?    ? A T48 7  N3    ? ? ? 1_555 B DA  6  N1 ? ? A T48 7  B DA  18 1_555 ? ? ? ? ? ? WATSON-CRICK ?     ? ? 
hydrog18 hydrog ?    ? A T48 7  O4    ? ? ? 1_555 B DA  6  N6 ? ? A T48 7  B DA  18 1_555 ? ? ? ? ? ? WATSON-CRICK ?     ? ? 
hydrog19 hydrog ?    ? A T48 8  N3    ? ? ? 1_555 B DA  5  N1 ? ? A T48 8  B DA  17 1_555 ? ? ? ? ? ? WATSON-CRICK ?     ? ? 
hydrog20 hydrog ?    ? A T48 8  O4    ? ? ? 1_555 B DA  5  N6 ? ? A T48 8  B DA  17 1_555 ? ? ? ? ? ? WATSON-CRICK ?     ? ? 
hydrog21 hydrog ?    ? A DC  9  N3    ? ? ? 1_555 B DG  4  N1 ? ? A DC  9  B DG  16 1_555 ? ? ? ? ? ? WATSON-CRICK ?     ? ? 
hydrog22 hydrog ?    ? A DC  9  N4    ? ? ? 1_555 B DG  4  O6 ? ? A DC  9  B DG  16 1_555 ? ? ? ? ? ? WATSON-CRICK ?     ? ? 
hydrog23 hydrog ?    ? A DC  9  O2    ? ? ? 1_555 B DG  4  N2 ? ? A DC  9  B DG  16 1_555 ? ? ? ? ? ? WATSON-CRICK ?     ? ? 
hydrog24 hydrog ?    ? A DG  10 N1    ? ? ? 1_555 B DC  3  N3 ? ? A DG  10 B DC  15 1_555 ? ? ? ? ? ? WATSON-CRICK ?     ? ? 
hydrog25 hydrog ?    ? A DG  10 N2    ? ? ? 1_555 B DC  3  O2 ? ? A DG  10 B DC  15 1_555 ? ? ? ? ? ? WATSON-CRICK ?     ? ? 
hydrog26 hydrog ?    ? A DG  10 O6    ? ? ? 1_555 B DC  3  N4 ? ? A DG  10 B DC  15 1_555 ? ? ? ? ? ? WATSON-CRICK ?     ? ? 
hydrog27 hydrog ?    ? A DC  11 N3    ? ? ? 1_555 B DG  2  N1 ? ? A DC  11 B DG  14 1_555 ? ? ? ? ? ? WATSON-CRICK ?     ? ? 
hydrog28 hydrog ?    ? A DC  11 N4    ? ? ? 1_555 B DG  2  O6 ? ? A DC  11 B DG  14 1_555 ? ? ? ? ? ? WATSON-CRICK ?     ? ? 
hydrog29 hydrog ?    ? A DC  11 O2    ? ? ? 1_555 B DG  2  N2 ? ? A DC  11 B DG  14 1_555 ? ? ? ? ? ? WATSON-CRICK ?     ? ? 
hydrog30 hydrog ?    ? A DG  12 N1    ? ? ? 1_555 B DC  1  N3 ? ? A DG  12 B DC  13 1_555 ? ? ? ? ? ? WATSON-CRICK ?     ? ? 
hydrog31 hydrog ?    ? A DG  12 N2    ? ? ? 1_555 B DC  1  O2 ? ? A DG  12 B DC  13 1_555 ? ? ? ? ? ? WATSON-CRICK ?     ? ? 
hydrog32 hydrog ?    ? A DG  12 O6    ? ? ? 1_555 B DC  1  N4 ? ? A DG  12 B DC  13 1_555 ? ? ? ? ? ? WATSON-CRICK ?     ? ? 
# 
loop_
_struct_conn_type.id 
_struct_conn_type.criteria 
_struct_conn_type.reference 
covale ? ? 
metalc ? ? 
hydrog ? ? 
# 
loop_
_pdbx_struct_conn_angle.id 
_pdbx_struct_conn_angle.ptnr1_label_atom_id 
_pdbx_struct_conn_angle.ptnr1_label_alt_id 
_pdbx_struct_conn_angle.ptnr1_label_asym_id 
_pdbx_struct_conn_angle.ptnr1_label_comp_id 
_pdbx_struct_conn_angle.ptnr1_label_seq_id 
_pdbx_struct_conn_angle.ptnr1_auth_atom_id 
_pdbx_struct_conn_angle.ptnr1_auth_asym_id 
_pdbx_struct_conn_angle.ptnr1_auth_comp_id 
_pdbx_struct_conn_angle.ptnr1_auth_seq_id 
_pdbx_struct_conn_angle.ptnr1_PDB_ins_code 
_pdbx_struct_conn_angle.ptnr1_symmetry 
_pdbx_struct_conn_angle.ptnr2_label_atom_id 
_pdbx_struct_conn_angle.ptnr2_label_alt_id 
_pdbx_struct_conn_angle.ptnr2_label_asym_id 
_pdbx_struct_conn_angle.ptnr2_label_comp_id 
_pdbx_struct_conn_angle.ptnr2_label_seq_id 
_pdbx_struct_conn_angle.ptnr2_auth_atom_id 
_pdbx_struct_conn_angle.ptnr2_auth_asym_id 
_pdbx_struct_conn_angle.ptnr2_auth_comp_id 
_pdbx_struct_conn_angle.ptnr2_auth_seq_id 
_pdbx_struct_conn_angle.ptnr2_PDB_ins_code 
_pdbx_struct_conn_angle.ptnr2_symmetry 
_pdbx_struct_conn_angle.ptnr3_label_atom_id 
_pdbx_struct_conn_angle.ptnr3_label_alt_id 
_pdbx_struct_conn_angle.ptnr3_label_asym_id 
_pdbx_struct_conn_angle.ptnr3_label_comp_id 
_pdbx_struct_conn_angle.ptnr3_label_seq_id 
_pdbx_struct_conn_angle.ptnr3_auth_atom_id 
_pdbx_struct_conn_angle.ptnr3_auth_asym_id 
_pdbx_struct_conn_angle.ptnr3_auth_comp_id 
_pdbx_struct_conn_angle.ptnr3_auth_seq_id 
_pdbx_struct_conn_angle.ptnr3_PDB_ins_code 
_pdbx_struct_conn_angle.ptnr3_symmetry 
_pdbx_struct_conn_angle.value 
_pdbx_struct_conn_angle.value_esd 
1  O ? D HOH . ? A HOH 26 ? 1_555 MG ? C MG . ? A MG 25 ? 1_555 O ? D HOH . ? A HOH 27 ? 1_555 95.1  ? 
2  O ? D HOH . ? A HOH 26 ? 1_555 MG ? C MG . ? A MG 25 ? 1_555 O ? D HOH . ? A HOH 28 ? 1_555 88.4  ? 
3  O ? D HOH . ? A HOH 27 ? 1_555 MG ? C MG . ? A MG 25 ? 1_555 O ? D HOH . ? A HOH 28 ? 1_555 174.2 ? 
4  O ? D HOH . ? A HOH 26 ? 1_555 MG ? C MG . ? A MG 25 ? 1_555 O ? D HOH . ? A HOH 29 ? 1_555 96.9  ? 
5  O ? D HOH . ? A HOH 27 ? 1_555 MG ? C MG . ? A MG 25 ? 1_555 O ? D HOH . ? A HOH 29 ? 1_555 87.8  ? 
6  O ? D HOH . ? A HOH 28 ? 1_555 MG ? C MG . ? A MG 25 ? 1_555 O ? D HOH . ? A HOH 29 ? 1_555 87.3  ? 
7  O ? D HOH . ? A HOH 26 ? 1_555 MG ? C MG . ? A MG 25 ? 1_555 O ? D HOH . ? A HOH 30 ? 1_555 178.3 ? 
8  O ? D HOH . ? A HOH 27 ? 1_555 MG ? C MG . ? A MG 25 ? 1_555 O ? D HOH . ? A HOH 30 ? 1_555 83.1  ? 
9  O ? D HOH . ? A HOH 28 ? 1_555 MG ? C MG . ? A MG 25 ? 1_555 O ? D HOH . ? A HOH 30 ? 1_555 93.3  ? 
10 O ? D HOH . ? A HOH 29 ? 1_555 MG ? C MG . ? A MG 25 ? 1_555 O ? D HOH . ? A HOH 30 ? 1_555 83.2  ? 
11 O ? D HOH . ? A HOH 26 ? 1_555 MG ? C MG . ? A MG 25 ? 1_555 O ? D HOH . ? A HOH 31 ? 1_555 89.9  ? 
12 O ? D HOH . ? A HOH 27 ? 1_555 MG ? C MG . ? A MG 25 ? 1_555 O ? D HOH . ? A HOH 31 ? 1_555 89.3  ? 
13 O ? D HOH . ? A HOH 28 ? 1_555 MG ? C MG . ? A MG 25 ? 1_555 O ? D HOH . ? A HOH 31 ? 1_555 95.3  ? 
14 O ? D HOH . ? A HOH 29 ? 1_555 MG ? C MG . ? A MG 25 ? 1_555 O ? D HOH . ? A HOH 31 ? 1_555 172.9 ? 
15 O ? D HOH . ? A HOH 30 ? 1_555 MG ? C MG . ? A MG 25 ? 1_555 O ? D HOH . ? A HOH 31 ? 1_555 90.0  ? 
# 
_struct_site.id                   AC1 
_struct_site.pdbx_evidence_code   Software 
_struct_site.pdbx_auth_asym_id    A 
_struct_site.pdbx_auth_comp_id    MG 
_struct_site.pdbx_auth_seq_id     25 
_struct_site.pdbx_auth_ins_code   ? 
_struct_site.pdbx_num_residues    6 
_struct_site.details              'BINDING SITE FOR RESIDUE MG A 25' 
# 
loop_
_struct_site_gen.id 
_struct_site_gen.site_id 
_struct_site_gen.pdbx_num_res 
_struct_site_gen.label_comp_id 
_struct_site_gen.label_asym_id 
_struct_site_gen.label_seq_id 
_struct_site_gen.pdbx_auth_ins_code 
_struct_site_gen.auth_comp_id 
_struct_site_gen.auth_asym_id 
_struct_site_gen.auth_seq_id 
_struct_site_gen.label_atom_id 
_struct_site_gen.label_alt_id 
_struct_site_gen.symmetry 
_struct_site_gen.details 
1 AC1 6 HOH D . ? HOH A 26 . ? 1_555 ? 
2 AC1 6 HOH D . ? HOH A 27 . ? 1_555 ? 
3 AC1 6 HOH D . ? HOH A 28 . ? 1_555 ? 
4 AC1 6 HOH D . ? HOH A 29 . ? 1_555 ? 
5 AC1 6 HOH D . ? HOH A 30 . ? 1_555 ? 
6 AC1 6 HOH D . ? HOH A 31 . ? 1_555 ? 
# 
_pdbx_validate_rmsd_bond.id                        1 
_pdbx_validate_rmsd_bond.PDB_model_num             1 
_pdbx_validate_rmsd_bond.auth_atom_id_1            "C5'" 
_pdbx_validate_rmsd_bond.auth_asym_id_1            B 
_pdbx_validate_rmsd_bond.auth_comp_id_1            DA 
_pdbx_validate_rmsd_bond.auth_seq_id_1             18 
_pdbx_validate_rmsd_bond.PDB_ins_code_1            ? 
_pdbx_validate_rmsd_bond.label_alt_id_1            ? 
_pdbx_validate_rmsd_bond.auth_atom_id_2            "C4'" 
_pdbx_validate_rmsd_bond.auth_asym_id_2            B 
_pdbx_validate_rmsd_bond.auth_comp_id_2            DA 
_pdbx_validate_rmsd_bond.auth_seq_id_2             18 
_pdbx_validate_rmsd_bond.PDB_ins_code_2            ? 
_pdbx_validate_rmsd_bond.label_alt_id_2            ? 
_pdbx_validate_rmsd_bond.bond_value                1.564 
_pdbx_validate_rmsd_bond.bond_target_value         1.512 
_pdbx_validate_rmsd_bond.bond_deviation            0.052 
_pdbx_validate_rmsd_bond.bond_standard_deviation   0.007 
_pdbx_validate_rmsd_bond.linker_flag               N 
# 
loop_
_pdbx_validate_rmsd_angle.id 
_pdbx_validate_rmsd_angle.PDB_model_num 
_pdbx_validate_rmsd_angle.auth_atom_id_1 
_pdbx_validate_rmsd_angle.auth_asym_id_1 
_pdbx_validate_rmsd_angle.auth_comp_id_1 
_pdbx_validate_rmsd_angle.auth_seq_id_1 
_pdbx_validate_rmsd_angle.PDB_ins_code_1 
_pdbx_validate_rmsd_angle.label_alt_id_1 
_pdbx_validate_rmsd_angle.auth_atom_id_2 
_pdbx_validate_rmsd_angle.auth_asym_id_2 
_pdbx_validate_rmsd_angle.auth_comp_id_2 
_pdbx_validate_rmsd_angle.auth_seq_id_2 
_pdbx_validate_rmsd_angle.PDB_ins_code_2 
_pdbx_validate_rmsd_angle.label_alt_id_2 
_pdbx_validate_rmsd_angle.auth_atom_id_3 
_pdbx_validate_rmsd_angle.auth_asym_id_3 
_pdbx_validate_rmsd_angle.auth_comp_id_3 
_pdbx_validate_rmsd_angle.auth_seq_id_3 
_pdbx_validate_rmsd_angle.PDB_ins_code_3 
_pdbx_validate_rmsd_angle.label_alt_id_3 
_pdbx_validate_rmsd_angle.angle_value 
_pdbx_validate_rmsd_angle.angle_target_value 
_pdbx_validate_rmsd_angle.angle_deviation 
_pdbx_validate_rmsd_angle.angle_standard_deviation 
_pdbx_validate_rmsd_angle.linker_flag 
1  1 "C5'" A DC  1  ? ? "C4'" A DC  1  ? ? "O4'" A DC 1  ? ? 117.63 109.80 7.83  1.10 N 
2  1 "C1'" A DC  1  ? ? "O4'" A DC  1  ? ? "C4'" A DC 1  ? ? 101.61 110.10 -8.49 1.00 N 
3  1 "O4'" A DC  1  ? ? "C1'" A DC  1  ? ? "C2'" A DC 1  ? ? 99.38  105.90 -6.52 0.80 N 
4  1 C2    A DC  3  ? ? N3    A DC  3  ? ? C4    A DC 3  ? ? 123.09 119.90 3.19  0.50 N 
5  1 N1    A DC  3  ? ? C2    A DC  3  ? ? O2    A DC 3  ? ? 122.83 118.90 3.93  0.60 N 
6  1 "O5'" A DG  4  ? ? "C5'" A DG  4  ? ? "C4'" A DG 4  ? ? 104.00 109.40 -5.40 0.80 N 
7  1 "O4'" A DG  4  ? ? "C1'" A DG  4  ? ? N9    A DG 4  ? ? 113.53 108.30 5.23  0.30 N 
8  1 "C3'" A DG  4  ? ? "O3'" A DG  4  ? ? P     A DA 5  ? ? 132.04 119.70 12.34 1.20 Y 
9  1 "O4'" A DA  6  ? ? "C1'" A DA  6  ? ? "C2'" A DA 6  ? ? 98.82  105.90 -7.08 0.80 N 
10 1 "C3'" A T48 8  ? ? "O3'" A T48 8  ? ? P     A DC 9  ? ? 127.22 119.70 7.52  1.20 Y 
11 1 N1    A DC  9  ? ? C2    A DC  9  ? ? O2    A DC 9  ? ? 125.43 118.90 6.53  0.60 N 
12 1 N3    A DC  9  ? ? C2    A DC  9  ? ? O2    A DC 9  ? ? 117.58 121.90 -4.32 0.70 N 
13 1 "C3'" A DC  9  ? ? "O3'" A DC  9  ? ? P     A DG 10 ? ? 127.55 119.70 7.85  1.20 Y 
14 1 "O4'" A DG  10 ? ? "C1'" A DG  10 ? ? N9    A DG 10 ? ? 112.15 108.30 3.85  0.30 N 
15 1 "C3'" A DG  10 ? ? "O3'" A DG  10 ? ? P     A DC 11 ? ? 128.81 119.70 9.11  1.20 Y 
16 1 N3    A DC  11 ? ? C2    A DC  11 ? ? O2    A DC 11 ? ? 117.62 121.90 -4.28 0.70 N 
17 1 N1    B DC  13 ? ? C2    B DC  13 ? ? O2    B DC 13 ? ? 122.96 118.90 4.06  0.60 N 
18 1 "O4'" B DG  14 ? ? "C1'" B DG  14 ? ? N9    B DG 14 ? ? 103.13 108.00 -4.87 0.70 N 
19 1 "O4'" B DC  15 ? ? "C1'" B DC  15 ? ? N1    B DC 15 ? ? 111.42 108.30 3.12  0.30 N 
20 1 "O4'" B DG  16 ? ? "C1'" B DG  16 ? ? N9    B DG 16 ? ? 113.06 108.30 4.76  0.30 N 
21 1 "C3'" B DG  16 ? ? "O3'" B DG  16 ? ? P     B DA 17 ? ? 131.01 119.70 11.31 1.20 Y 
22 1 "O4'" B DA  17 ? ? "C1'" B DA  17 ? ? N9    B DA 17 ? ? 110.40 108.30 2.10  0.30 N 
23 1 "C3'" B DA  17 ? ? "O3'" B DA  17 ? ? P     B DA 18 ? ? 131.16 119.70 11.46 1.20 Y 
24 1 "C5'" B DA  18 ? ? "C4'" B DA  18 ? ? "O4'" B DA 18 ? ? 116.58 109.80 6.78  1.10 N 
25 1 "O4'" B DA  18 ? ? "C1'" B DA  18 ? ? N9    B DA 18 ? ? 110.73 108.30 2.43  0.30 N 
26 1 N1    B DA  18 ? ? C2    B DA  18 ? ? N3    B DA 18 ? ? 126.14 129.30 -3.16 0.50 N 
27 1 "C3'" B T48 20 ? ? "O3'" B T48 20 ? ? P     B DC 21 ? ? 128.61 119.70 8.91  1.20 Y 
28 1 N1    B DC  21 ? ? C2    B DC  21 ? ? O2    B DC 21 ? ? 123.60 118.90 4.70  0.60 N 
29 1 "O4'" B DG  22 ? ? "C1'" B DG  22 ? ? "C2'" B DG 22 ? ? 100.70 105.90 -5.20 0.80 N 
30 1 "O4'" B DG  22 ? ? "C1'" B DG  22 ? ? N9    B DG 22 ? ? 111.46 108.30 3.16  0.30 N 
31 1 N1    B DC  23 ? ? "C1'" B DC  23 ? ? "C2'" B DC 23 ? ? 123.06 114.30 8.76  1.40 N 
32 1 N1    B DG  24 ? ? C6    B DG  24 ? ? O6    B DG 24 ? ? 123.51 119.90 3.61  0.60 N 
33 1 C5    B DG  24 ? ? C6    B DG  24 ? ? O6    B DG 24 ? ? 124.61 128.60 -3.99 0.60 N 
# 
loop_
_pdbx_struct_mod_residue.id 
_pdbx_struct_mod_residue.label_asym_id 
_pdbx_struct_mod_residue.label_comp_id 
_pdbx_struct_mod_residue.label_seq_id 
_pdbx_struct_mod_residue.auth_asym_id 
_pdbx_struct_mod_residue.auth_comp_id 
_pdbx_struct_mod_residue.auth_seq_id 
_pdbx_struct_mod_residue.PDB_ins_code 
_pdbx_struct_mod_residue.parent_comp_id 
_pdbx_struct_mod_residue.details 
1 A T48 7 A T48 7  ? DT ? 
2 A T48 8 A T48 8  ? DT ? 
3 B T48 7 B T48 19 ? DT ? 
4 B T48 8 B T48 20 ? DT ? 
# 
loop_
_refine_B_iso.class 
_refine_B_iso.details 
_refine_B_iso.treatment 
_refine_B_iso.pdbx_refine_id 
'ALL ATOMS'  TR isotropic 'X-RAY DIFFRACTION' 
'ALL WATERS' TR isotropic 'X-RAY DIFFRACTION' 
# 
loop_
_refine_occupancy.class 
_refine_occupancy.treatment 
_refine_occupancy.pdbx_refine_id 
'ALL ATOMS'  fix 'X-RAY DIFFRACTION' 
'ALL WATERS' fix 'X-RAY DIFFRACTION' 
# 
loop_
_chem_comp_atom.comp_id 
_chem_comp_atom.atom_id 
_chem_comp_atom.type_symbol 
_chem_comp_atom.pdbx_aromatic_flag 
_chem_comp_atom.pdbx_stereo_config 
_chem_comp_atom.pdbx_ordinal 
DA  OP3    O  N N 1   
DA  P      P  N N 2   
DA  OP1    O  N N 3   
DA  OP2    O  N N 4   
DA  "O5'"  O  N N 5   
DA  "C5'"  C  N N 6   
DA  "C4'"  C  N R 7   
DA  "O4'"  O  N N 8   
DA  "C3'"  C  N S 9   
DA  "O3'"  O  N N 10  
DA  "C2'"  C  N N 11  
DA  "C1'"  C  N R 12  
DA  N9     N  Y N 13  
DA  C8     C  Y N 14  
DA  N7     N  Y N 15  
DA  C5     C  Y N 16  
DA  C6     C  Y N 17  
DA  N6     N  N N 18  
DA  N1     N  Y N 19  
DA  C2     C  Y N 20  
DA  N3     N  Y N 21  
DA  C4     C  Y N 22  
DA  HOP3   H  N N 23  
DA  HOP2   H  N N 24  
DA  "H5'"  H  N N 25  
DA  "H5''" H  N N 26  
DA  "H4'"  H  N N 27  
DA  "H3'"  H  N N 28  
DA  "HO3'" H  N N 29  
DA  "H2'"  H  N N 30  
DA  "H2''" H  N N 31  
DA  "H1'"  H  N N 32  
DA  H8     H  N N 33  
DA  H61    H  N N 34  
DA  H62    H  N N 35  
DA  H2     H  N N 36  
DC  OP3    O  N N 37  
DC  P      P  N N 38  
DC  OP1    O  N N 39  
DC  OP2    O  N N 40  
DC  "O5'"  O  N N 41  
DC  "C5'"  C  N N 42  
DC  "C4'"  C  N R 43  
DC  "O4'"  O  N N 44  
DC  "C3'"  C  N S 45  
DC  "O3'"  O  N N 46  
DC  "C2'"  C  N N 47  
DC  "C1'"  C  N R 48  
DC  N1     N  N N 49  
DC  C2     C  N N 50  
DC  O2     O  N N 51  
DC  N3     N  N N 52  
DC  C4     C  N N 53  
DC  N4     N  N N 54  
DC  C5     C  N N 55  
DC  C6     C  N N 56  
DC  HOP3   H  N N 57  
DC  HOP2   H  N N 58  
DC  "H5'"  H  N N 59  
DC  "H5''" H  N N 60  
DC  "H4'"  H  N N 61  
DC  "H3'"  H  N N 62  
DC  "HO3'" H  N N 63  
DC  "H2'"  H  N N 64  
DC  "H2''" H  N N 65  
DC  "H1'"  H  N N 66  
DC  H41    H  N N 67  
DC  H42    H  N N 68  
DC  H5     H  N N 69  
DC  H6     H  N N 70  
DG  OP3    O  N N 71  
DG  P      P  N N 72  
DG  OP1    O  N N 73  
DG  OP2    O  N N 74  
DG  "O5'"  O  N N 75  
DG  "C5'"  C  N N 76  
DG  "C4'"  C  N R 77  
DG  "O4'"  O  N N 78  
DG  "C3'"  C  N S 79  
DG  "O3'"  O  N N 80  
DG  "C2'"  C  N N 81  
DG  "C1'"  C  N R 82  
DG  N9     N  Y N 83  
DG  C8     C  Y N 84  
DG  N7     N  Y N 85  
DG  C5     C  Y N 86  
DG  C6     C  N N 87  
DG  O6     O  N N 88  
DG  N1     N  N N 89  
DG  C2     C  N N 90  
DG  N2     N  N N 91  
DG  N3     N  N N 92  
DG  C4     C  Y N 93  
DG  HOP3   H  N N 94  
DG  HOP2   H  N N 95  
DG  "H5'"  H  N N 96  
DG  "H5''" H  N N 97  
DG  "H4'"  H  N N 98  
DG  "H3'"  H  N N 99  
DG  "HO3'" H  N N 100 
DG  "H2'"  H  N N 101 
DG  "H2''" H  N N 102 
DG  "H1'"  H  N N 103 
DG  H8     H  N N 104 
DG  H1     H  N N 105 
DG  H21    H  N N 106 
DG  H22    H  N N 107 
HOH O      O  N N 108 
HOH H1     H  N N 109 
HOH H2     H  N N 110 
MG  MG     MG N N 111 
T48 O3P    O  N N 112 
T48 P      P  N N 113 
T48 O1P    O  N N 114 
T48 O2P    O  N N 115 
T48 "O5'"  O  N N 116 
T48 "C5'"  C  N N 117 
T48 "C4'"  C  N R 118 
T48 "C3'"  C  N S 119 
T48 "O3'"  O  N N 120 
T48 "C2'"  C  N N 121 
T48 "C1'"  C  N S 122 
T48 N1     N  N N 123 
T48 C2     C  N N 124 
T48 O2     O  N N 125 
T48 N3     N  N N 126 
T48 C4     C  N N 127 
T48 O4     O  N N 128 
T48 C5     C  N N 129 
T48 C5M    C  N N 130 
T48 C      C  N S 131 
T48 C6     C  N N 132 
T48 O      O  N N 133 
T48 H3P    H  N N 134 
T48 H2P    H  N N 135 
T48 "H5'1" H  N N 136 
T48 "H5'2" H  N N 137 
T48 "H4'"  H  N N 138 
T48 "H3'"  H  N N 139 
T48 HA     H  N N 140 
T48 "H2'1" H  N N 141 
T48 "H2'2" H  N N 142 
T48 "H1'"  H  N N 143 
T48 H3     H  N N 144 
T48 H5M1   H  N N 145 
T48 H5M2   H  N N 146 
T48 H5M3   H  N N 147 
T48 H      H  N N 148 
T48 H6     H  N N 149 
T48 HB     H  N N 150 
# 
loop_
_chem_comp_bond.comp_id 
_chem_comp_bond.atom_id_1 
_chem_comp_bond.atom_id_2 
_chem_comp_bond.value_order 
_chem_comp_bond.pdbx_aromatic_flag 
_chem_comp_bond.pdbx_stereo_config 
_chem_comp_bond.pdbx_ordinal 
DA  OP3   P      sing N N 1   
DA  OP3   HOP3   sing N N 2   
DA  P     OP1    doub N N 3   
DA  P     OP2    sing N N 4   
DA  P     "O5'"  sing N N 5   
DA  OP2   HOP2   sing N N 6   
DA  "O5'" "C5'"  sing N N 7   
DA  "C5'" "C4'"  sing N N 8   
DA  "C5'" "H5'"  sing N N 9   
DA  "C5'" "H5''" sing N N 10  
DA  "C4'" "O4'"  sing N N 11  
DA  "C4'" "C3'"  sing N N 12  
DA  "C4'" "H4'"  sing N N 13  
DA  "O4'" "C1'"  sing N N 14  
DA  "C3'" "O3'"  sing N N 15  
DA  "C3'" "C2'"  sing N N 16  
DA  "C3'" "H3'"  sing N N 17  
DA  "O3'" "HO3'" sing N N 18  
DA  "C2'" "C1'"  sing N N 19  
DA  "C2'" "H2'"  sing N N 20  
DA  "C2'" "H2''" sing N N 21  
DA  "C1'" N9     sing N N 22  
DA  "C1'" "H1'"  sing N N 23  
DA  N9    C8     sing Y N 24  
DA  N9    C4     sing Y N 25  
DA  C8    N7     doub Y N 26  
DA  C8    H8     sing N N 27  
DA  N7    C5     sing Y N 28  
DA  C5    C6     sing Y N 29  
DA  C5    C4     doub Y N 30  
DA  C6    N6     sing N N 31  
DA  C6    N1     doub Y N 32  
DA  N6    H61    sing N N 33  
DA  N6    H62    sing N N 34  
DA  N1    C2     sing Y N 35  
DA  C2    N3     doub Y N 36  
DA  C2    H2     sing N N 37  
DA  N3    C4     sing Y N 38  
DC  OP3   P      sing N N 39  
DC  OP3   HOP3   sing N N 40  
DC  P     OP1    doub N N 41  
DC  P     OP2    sing N N 42  
DC  P     "O5'"  sing N N 43  
DC  OP2   HOP2   sing N N 44  
DC  "O5'" "C5'"  sing N N 45  
DC  "C5'" "C4'"  sing N N 46  
DC  "C5'" "H5'"  sing N N 47  
DC  "C5'" "H5''" sing N N 48  
DC  "C4'" "O4'"  sing N N 49  
DC  "C4'" "C3'"  sing N N 50  
DC  "C4'" "H4'"  sing N N 51  
DC  "O4'" "C1'"  sing N N 52  
DC  "C3'" "O3'"  sing N N 53  
DC  "C3'" "C2'"  sing N N 54  
DC  "C3'" "H3'"  sing N N 55  
DC  "O3'" "HO3'" sing N N 56  
DC  "C2'" "C1'"  sing N N 57  
DC  "C2'" "H2'"  sing N N 58  
DC  "C2'" "H2''" sing N N 59  
DC  "C1'" N1     sing N N 60  
DC  "C1'" "H1'"  sing N N 61  
DC  N1    C2     sing N N 62  
DC  N1    C6     sing N N 63  
DC  C2    O2     doub N N 64  
DC  C2    N3     sing N N 65  
DC  N3    C4     doub N N 66  
DC  C4    N4     sing N N 67  
DC  C4    C5     sing N N 68  
DC  N4    H41    sing N N 69  
DC  N4    H42    sing N N 70  
DC  C5    C6     doub N N 71  
DC  C5    H5     sing N N 72  
DC  C6    H6     sing N N 73  
DG  OP3   P      sing N N 74  
DG  OP3   HOP3   sing N N 75  
DG  P     OP1    doub N N 76  
DG  P     OP2    sing N N 77  
DG  P     "O5'"  sing N N 78  
DG  OP2   HOP2   sing N N 79  
DG  "O5'" "C5'"  sing N N 80  
DG  "C5'" "C4'"  sing N N 81  
DG  "C5'" "H5'"  sing N N 82  
DG  "C5'" "H5''" sing N N 83  
DG  "C4'" "O4'"  sing N N 84  
DG  "C4'" "C3'"  sing N N 85  
DG  "C4'" "H4'"  sing N N 86  
DG  "O4'" "C1'"  sing N N 87  
DG  "C3'" "O3'"  sing N N 88  
DG  "C3'" "C2'"  sing N N 89  
DG  "C3'" "H3'"  sing N N 90  
DG  "O3'" "HO3'" sing N N 91  
DG  "C2'" "C1'"  sing N N 92  
DG  "C2'" "H2'"  sing N N 93  
DG  "C2'" "H2''" sing N N 94  
DG  "C1'" N9     sing N N 95  
DG  "C1'" "H1'"  sing N N 96  
DG  N9    C8     sing Y N 97  
DG  N9    C4     sing Y N 98  
DG  C8    N7     doub Y N 99  
DG  C8    H8     sing N N 100 
DG  N7    C5     sing Y N 101 
DG  C5    C6     sing N N 102 
DG  C5    C4     doub Y N 103 
DG  C6    O6     doub N N 104 
DG  C6    N1     sing N N 105 
DG  N1    C2     sing N N 106 
DG  N1    H1     sing N N 107 
DG  C2    N2     sing N N 108 
DG  C2    N3     doub N N 109 
DG  N2    H21    sing N N 110 
DG  N2    H22    sing N N 111 
DG  N3    C4     sing N N 112 
HOH O     H1     sing N N 113 
HOH O     H2     sing N N 114 
T48 O3P   P      sing N N 115 
T48 O3P   H3P    sing N N 116 
T48 P     O1P    doub N N 117 
T48 P     O2P    sing N N 118 
T48 P     "O5'"  sing N N 119 
T48 O2P   H2P    sing N N 120 
T48 "O5'" "C5'"  sing N N 121 
T48 "C5'" "C4'"  sing N N 122 
T48 "C5'" "H5'1" sing N N 123 
T48 "C5'" "H5'2" sing N N 124 
T48 "C4'" "C3'"  sing N N 125 
T48 "C4'" C      sing N N 126 
T48 "C4'" "H4'"  sing N N 127 
T48 "C3'" "O3'"  sing N N 128 
T48 "C3'" "C2'"  sing N N 129 
T48 "C3'" "H3'"  sing N N 130 
T48 "O3'" HA     sing N N 131 
T48 "C2'" "C1'"  sing N N 132 
T48 "C2'" "H2'1" sing N N 133 
T48 "C2'" "H2'2" sing N N 134 
T48 "C1'" N1     sing N N 135 
T48 "C1'" C      sing N N 136 
T48 "C1'" "H1'"  sing N N 137 
T48 N1    C2     sing N N 138 
T48 N1    C6     sing N N 139 
T48 C2    O2     doub N N 140 
T48 C2    N3     sing N N 141 
T48 N3    C4     sing N N 142 
T48 N3    H3     sing N N 143 
T48 C4    O4     doub N N 144 
T48 C4    C5     sing N N 145 
T48 C5    C5M    sing N N 146 
T48 C5    C6     doub N N 147 
T48 C5M   H5M1   sing N N 148 
T48 C5M   H5M2   sing N N 149 
T48 C5M   H5M3   sing N N 150 
T48 C     O      sing N N 151 
T48 C     H      sing N N 152 
T48 C6    H6     sing N N 153 
T48 O     HB     sing N N 154 
# 
_ndb_struct_conf_na.entry_id   291D 
_ndb_struct_conf_na.feature    'b-form double helix' 
# 
loop_
_ndb_struct_na_base_pair.model_number 
_ndb_struct_na_base_pair.i_label_asym_id 
_ndb_struct_na_base_pair.i_label_comp_id 
_ndb_struct_na_base_pair.i_label_seq_id 
_ndb_struct_na_base_pair.i_symmetry 
_ndb_struct_na_base_pair.j_label_asym_id 
_ndb_struct_na_base_pair.j_label_comp_id 
_ndb_struct_na_base_pair.j_label_seq_id 
_ndb_struct_na_base_pair.j_symmetry 
_ndb_struct_na_base_pair.shear 
_ndb_struct_na_base_pair.stretch 
_ndb_struct_na_base_pair.stagger 
_ndb_struct_na_base_pair.buckle 
_ndb_struct_na_base_pair.propeller 
_ndb_struct_na_base_pair.opening 
_ndb_struct_na_base_pair.pair_number 
_ndb_struct_na_base_pair.pair_name 
_ndb_struct_na_base_pair.i_auth_asym_id 
_ndb_struct_na_base_pair.i_auth_seq_id 
_ndb_struct_na_base_pair.i_PDB_ins_code 
_ndb_struct_na_base_pair.j_auth_asym_id 
_ndb_struct_na_base_pair.j_auth_seq_id 
_ndb_struct_na_base_pair.j_PDB_ins_code 
_ndb_struct_na_base_pair.hbond_type_28 
_ndb_struct_na_base_pair.hbond_type_12 
1 A DC  1  1_555 B DG  12 1_555 0.450  -0.208 -0.037 8.916  -19.041 1.053  1  A_DC1:DG24_B  A 1  ? B 24 ? 19 1 
1 A DG  2  1_555 B DC  11 1_555 -0.587 -0.366 0.378  -1.987 -15.475 -0.947 2  A_DG2:DC23_B  A 2  ? B 23 ? 19 1 
1 A DC  3  1_555 B DG  10 1_555 0.124  -0.193 0.106  -6.866 -5.955  1.455  3  A_DC3:DG22_B  A 3  ? B 22 ? 19 1 
1 A DG  4  1_555 B DC  9  1_555 -0.649 -0.372 0.059  8.086  -11.316 -0.771 4  A_DG4:DC21_B  A 4  ? B 21 ? 19 1 
1 A DA  5  1_555 B T48 8  1_555 0.328  -0.150 0.145  5.827  -19.014 0.001  5  A_DA5:T4820_B A 5  ? B 20 ? 20 1 
1 A DA  6  1_555 B T48 7  1_555 0.101  -0.079 0.137  0.658  -14.369 5.014  6  A_DA6:T4819_B A 6  ? B 19 ? 20 1 
1 A T48 7  1_555 B DA  6  1_555 -0.411 0.094  0.185  0.861  -11.965 -0.576 7  A_T487:DA18_B A 7  ? B 18 ? 20 1 
1 A T48 8  1_555 B DA  5  1_555 -0.315 -0.360 -0.108 -0.754 -17.715 -2.374 8  A_T488:DA17_B A 8  ? B 17 ? 20 1 
1 A DC  9  1_555 B DG  4  1_555 0.455  -0.424 -0.260 -4.357 -9.551  -0.192 9  A_DC9:DG16_B  A 9  ? B 16 ? 19 1 
1 A DG  10 1_555 B DC  3  1_555 -0.213 -0.324 0.181  5.188  -4.291  -1.553 10 A_DG10:DC15_B A 10 ? B 15 ? 19 1 
1 A DC  11 1_555 B DG  2  1_555 0.467  -0.368 0.394  5.364  -25.560 -2.174 11 A_DC11:DG14_B A 11 ? B 14 ? 19 1 
1 A DG  12 1_555 B DC  1  1_555 -0.448 -0.307 -0.175 1.538  10.231  -3.404 12 A_DG12:DC13_B A 12 ? B 13 ? 19 1 
# 
loop_
_ndb_struct_na_base_pair_step.model_number 
_ndb_struct_na_base_pair_step.i_label_asym_id_1 
_ndb_struct_na_base_pair_step.i_label_comp_id_1 
_ndb_struct_na_base_pair_step.i_label_seq_id_1 
_ndb_struct_na_base_pair_step.i_symmetry_1 
_ndb_struct_na_base_pair_step.j_label_asym_id_1 
_ndb_struct_na_base_pair_step.j_label_comp_id_1 
_ndb_struct_na_base_pair_step.j_label_seq_id_1 
_ndb_struct_na_base_pair_step.j_symmetry_1 
_ndb_struct_na_base_pair_step.i_label_asym_id_2 
_ndb_struct_na_base_pair_step.i_label_comp_id_2 
_ndb_struct_na_base_pair_step.i_label_seq_id_2 
_ndb_struct_na_base_pair_step.i_symmetry_2 
_ndb_struct_na_base_pair_step.j_label_asym_id_2 
_ndb_struct_na_base_pair_step.j_label_comp_id_2 
_ndb_struct_na_base_pair_step.j_label_seq_id_2 
_ndb_struct_na_base_pair_step.j_symmetry_2 
_ndb_struct_na_base_pair_step.shift 
_ndb_struct_na_base_pair_step.slide 
_ndb_struct_na_base_pair_step.rise 
_ndb_struct_na_base_pair_step.tilt 
_ndb_struct_na_base_pair_step.roll 
_ndb_struct_na_base_pair_step.twist 
_ndb_struct_na_base_pair_step.x_displacement 
_ndb_struct_na_base_pair_step.y_displacement 
_ndb_struct_na_base_pair_step.helical_rise 
_ndb_struct_na_base_pair_step.inclination 
_ndb_struct_na_base_pair_step.tip 
_ndb_struct_na_base_pair_step.helical_twist 
_ndb_struct_na_base_pair_step.step_number 
_ndb_struct_na_base_pair_step.step_name 
_ndb_struct_na_base_pair_step.i_auth_asym_id_1 
_ndb_struct_na_base_pair_step.i_auth_seq_id_1 
_ndb_struct_na_base_pair_step.i_PDB_ins_code_1 
_ndb_struct_na_base_pair_step.j_auth_asym_id_1 
_ndb_struct_na_base_pair_step.j_auth_seq_id_1 
_ndb_struct_na_base_pair_step.j_PDB_ins_code_1 
_ndb_struct_na_base_pair_step.i_auth_asym_id_2 
_ndb_struct_na_base_pair_step.i_auth_seq_id_2 
_ndb_struct_na_base_pair_step.i_PDB_ins_code_2 
_ndb_struct_na_base_pair_step.j_auth_asym_id_2 
_ndb_struct_na_base_pair_step.j_auth_seq_id_2 
_ndb_struct_na_base_pair_step.j_PDB_ins_code_2 
1 A DC  1  1_555 B DG  12 1_555 A DG  2  1_555 B DC  11 1_555 -0.339 0.314  3.581 -4.684 6.702   33.522 -0.628 -0.237 3.589 11.410 
7.975  34.477 1  AA_DC1DG2:DC23DG24_BB   A 1  ? B 24 ? A 2  ? B 23 ? 
1 A DG  2  1_555 B DC  11 1_555 A DC  3  1_555 B DG  10 1_555 0.497  0.458  3.588 3.161  -5.970  41.872 1.299  -0.335 3.520 -8.289 
-4.388 42.389 2  AA_DG2DC3:DG22DC23_BB   A 2  ? B 23 ? A 3  ? B 22 ? 
1 A DC  3  1_555 B DG  10 1_555 A DG  4  1_555 B DC  9  1_555 -0.251 0.530  3.074 0.802  8.896   25.966 -1.004 0.721  3.075 19.094 
-1.722 27.434 3  AA_DC3DG4:DC21DG22_BB   A 3  ? B 22 ? A 4  ? B 21 ? 
1 A DG  4  1_555 B DC  9  1_555 A DA  5  1_555 B T48 8  1_555 0.117  0.007  3.387 -0.903 4.805   41.332 -0.517 -0.264 3.363 6.778 
1.274  41.608 4  AA_DG4DA5:T4820DC21_BB  A 4  ? B 21 ? A 5  ? B 20 ? 
1 A DA  5  1_555 B T48 8  1_555 A DA  6  1_555 B T48 7  1_555 0.110  -0.280 3.350 -0.828 3.085   34.493 -0.954 -0.314 3.310 5.188 
1.392  34.636 5  AA_DA5DA6:T4819T4820_BB A 5  ? B 20 ? A 6  ? B 19 ? 
1 A DA  6  1_555 B T48 7  1_555 A T48 7  1_555 B DA  6  1_555 -0.110 -0.658 3.320 -0.417 -2.477  30.569 -0.745 0.124  3.363 -4.689 
0.790  30.670 6  AA_DA6T487:DA18T4819_BB A 6  ? B 19 ? A 7  ? B 18 ? 
1 A T48 7  1_555 B DA  6  1_555 A T48 8  1_555 B DA  5  1_555 -0.525 -0.312 3.316 2.344  1.014   34.744 -0.677 1.236  3.265 1.695 
-3.919 34.835 7  AA_T487T488:DA17DA18_BB A 7  ? B 18 ? A 8  ? B 17 ? 
1 A T48 8  1_555 B DA  5  1_555 A DC  9  1_555 B DG  4  1_555 0.078  0.027  3.355 1.380  -0.312  44.374 0.066  0.027  3.355 -0.413 
-1.826 44.396 8  AA_T488DC9:DG16DA17_BB  A 8  ? B 17 ? A 9  ? B 16 ? 
1 A DC  9  1_555 B DG  4  1_555 A DG  10 1_555 B DC  3  1_555 0.319  0.989  3.369 -4.412 4.490   25.815 0.912  -1.912 3.389 9.865 
9.692  26.558 9  AA_DC9DG10:DC15DG16_BB  A 9  ? B 16 ? A 10 ? B 15 ? 
1 A DG  10 1_555 B DC  3  1_555 A DC  11 1_555 B DG  2  1_555 -1.078 0.632  3.485 -3.192 -13.280 43.881 2.023  1.092  3.240 
-17.279 4.154  45.857 10 AA_DG10DC11:DG14DC15_BB A 10 ? B 15 ? A 11 ? B 14 ? 
1 A DC  11 1_555 B DG  2  1_555 A DG  12 1_555 B DC  1  1_555 1.066  0.641  3.695 5.307  -6.169  34.004 2.130  -0.863 3.647 
-10.365 -8.917 34.936 11 AA_DC11DG12:DC13DG14_BB A 11 ? B 14 ? A 12 ? B 13 ? 
# 
_atom_sites.entry_id                    291D 
_atom_sites.fract_transf_matrix[1][1]   0.03237603 
_atom_sites.fract_transf_matrix[1][2]   -0.00063405 
_atom_sites.fract_transf_matrix[1][3]   -0.02380392 
_atom_sites.fract_transf_matrix[2][1]   0.01398892 
_atom_sites.fract_transf_matrix[2][2]   -0.00717768 
_atom_sites.fract_transf_matrix[2][3]   0.01921770 
_atom_sites.fract_transf_matrix[3][1]   -0.00275869 
_atom_sites.fract_transf_matrix[3][2]   -0.01439594 
_atom_sites.fract_transf_matrix[3][3]   -0.00336868 
_atom_sites.fract_transf_vector[1]      0.576063 
_atom_sites.fract_transf_vector[2]      0.510801 
_atom_sites.fract_transf_vector[3]      0.136023 
# 
loop_
_atom_type.symbol 
C  
MG 
N  
O  
P  
# 
loop_
_atom_site.group_PDB 
_atom_site.id 
_atom_site.type_symbol 
_atom_site.label_atom_id 
_atom_site.label_alt_id 
_atom_site.label_comp_id 
_atom_site.label_asym_id 
_atom_site.label_entity_id 
_atom_site.label_seq_id 
_atom_site.pdbx_PDB_ins_code 
_atom_site.Cartn_x 
_atom_site.Cartn_y 
_atom_site.Cartn_z 
_atom_site.occupancy 
_atom_site.B_iso_or_equiv 
_atom_site.pdbx_formal_charge 
_atom_site.auth_seq_id 
_atom_site.auth_comp_id 
_atom_site.auth_asym_id 
_atom_site.auth_atom_id 
_atom_site.pdbx_PDB_model_num 
ATOM   1   O  "O5'" . DC  A 1 1  ? 9.056   -18.538 3.961   1.00 31.03 ? 1  DC  A "O5'" 1 
ATOM   2   C  "C5'" . DC  A 1 1  ? 9.286   -18.754 2.576   1.00 29.40 ? 1  DC  A "C5'" 1 
ATOM   3   C  "C4'" . DC  A 1 1  ? 8.340   -17.979 1.695   1.00 26.23 ? 1  DC  A "C4'" 1 
ATOM   4   O  "O4'" . DC  A 1 1  ? 6.980   -18.247 1.815   1.00 25.31 ? 1  DC  A "O4'" 1 
ATOM   5   C  "C3'" . DC  A 1 1  ? 8.472   -16.519 1.840   1.00 27.52 ? 1  DC  A "C3'" 1 
ATOM   6   O  "O3'" . DC  A 1 1  ? 9.153   -16.281 0.659   1.00 31.43 ? 1  DC  A "O3'" 1 
ATOM   7   C  "C2'" . DC  A 1 1  ? 7.075   -16.052 1.697   1.00 24.34 ? 1  DC  A "C2'" 1 
ATOM   8   C  "C1'" . DC  A 1 1  ? 6.417   -17.204 1.052   1.00 21.94 ? 1  DC  A "C1'" 1 
ATOM   9   N  N1    . DC  A 1 1  ? 4.974   -17.309 1.206   1.00 19.26 ? 1  DC  A N1    1 
ATOM   10  C  C2    . DC  A 1 1  ? 4.248   -17.723 0.113   1.00 18.64 ? 1  DC  A C2    1 
ATOM   11  O  O2    . DC  A 1 1  ? 4.765   -17.910 -0.982  1.00 20.61 ? 1  DC  A O2    1 
ATOM   12  N  N3    . DC  A 1 1  ? 2.924   -17.879 0.236   1.00 17.12 ? 1  DC  A N3    1 
ATOM   13  C  C4    . DC  A 1 1  ? 2.341   -17.642 1.396   1.00 17.61 ? 1  DC  A C4    1 
ATOM   14  N  N4    . DC  A 1 1  ? 1.019   -17.774 1.492   1.00 19.38 ? 1  DC  A N4    1 
ATOM   15  C  C5    . DC  A 1 1  ? 3.072   -17.237 2.533   1.00 16.52 ? 1  DC  A C5    1 
ATOM   16  C  C6    . DC  A 1 1  ? 4.393   -17.106 2.387   1.00 17.66 ? 1  DC  A C6    1 
ATOM   17  P  P     . DG  A 1 2  ? 10.167  -15.111 0.558   1.00 34.65 ? 2  DG  A P     1 
ATOM   18  O  OP1   . DG  A 1 2  ? 11.535  -15.653 0.410   1.00 35.15 ? 2  DG  A OP1   1 
ATOM   19  O  OP2   . DG  A 1 2  ? 9.793   -14.088 1.570   1.00 34.24 ? 2  DG  A OP2   1 
ATOM   20  O  "O5'" . DG  A 1 2  ? 9.670   -14.549 -0.839  1.00 32.79 ? 2  DG  A "O5'" 1 
ATOM   21  C  "C5'" . DG  A 1 2  ? 9.757   -15.307 -2.041  1.00 27.15 ? 2  DG  A "C5'" 1 
ATOM   22  C  "C4'" . DG  A 1 2  ? 8.768   -14.773 -3.040  1.00 23.40 ? 2  DG  A "C4'" 1 
ATOM   23  O  "O4'" . DG  A 1 2  ? 7.467   -15.015 -2.539  1.00 21.55 ? 2  DG  A "O4'" 1 
ATOM   24  C  "C3'" . DG  A 1 2  ? 8.912   -13.278 -3.098  1.00 22.02 ? 2  DG  A "C3'" 1 
ATOM   25  O  "O3'" . DG  A 1 2  ? 9.338   -12.864 -4.372  1.00 22.52 ? 2  DG  A "O3'" 1 
ATOM   26  C  "C2'" . DG  A 1 2  ? 7.599   -12.771 -2.631  1.00 20.17 ? 2  DG  A "C2'" 1 
ATOM   27  C  "C1'" . DG  A 1 2  ? 6.665   -13.910 -2.860  1.00 18.32 ? 2  DG  A "C1'" 1 
ATOM   28  N  N9    . DG  A 1 2  ? 5.574   -13.956 -1.906  1.00 13.89 ? 2  DG  A N9    1 
ATOM   29  C  C8    . DG  A 1 2  ? 5.620   -13.853 -0.548  1.00 13.39 ? 2  DG  A C8    1 
ATOM   30  N  N7    . DG  A 1 2  ? 4.444   -13.978 0.029   1.00 13.77 ? 2  DG  A N7    1 
ATOM   31  C  C5    . DG  A 1 2  ? 3.580   -14.230 -1.032  1.00 11.69 ? 2  DG  A C5    1 
ATOM   32  C  C6    . DG  A 1 2  ? 2.198   -14.427 -1.030  1.00 11.65 ? 2  DG  A C6    1 
ATOM   33  O  O6    . DG  A 1 2  ? 1.467   -14.462 -0.049  1.00 15.15 ? 2  DG  A O6    1 
ATOM   34  N  N1    . DG  A 1 2  ? 1.683   -14.584 -2.294  1.00 11.28 ? 2  DG  A N1    1 
ATOM   35  C  C2    . DG  A 1 2  ? 2.415   -14.546 -3.447  1.00 11.49 ? 2  DG  A C2    1 
ATOM   36  N  N2    . DG  A 1 2  ? 1.790   -14.710 -4.625  1.00 14.46 ? 2  DG  A N2    1 
ATOM   37  N  N3    . DG  A 1 2  ? 3.730   -14.371 -3.445  1.00 12.78 ? 2  DG  A N3    1 
ATOM   38  C  C4    . DG  A 1 2  ? 4.249   -14.212 -2.211  1.00 13.43 ? 2  DG  A C4    1 
ATOM   39  P  P     . DC  A 1 3  ? 9.547   -11.338 -4.756  1.00 22.03 ? 3  DC  A P     1 
ATOM   40  O  OP1   . DC  A 1 3  ? 10.570  -11.398 -5.799  1.00 24.90 ? 3  DC  A OP1   1 
ATOM   41  O  OP2   . DC  A 1 3  ? 9.751   -10.468 -3.608  1.00 22.04 ? 3  DC  A OP2   1 
ATOM   42  O  "O5'" . DC  A 1 3  ? 8.155   -10.878 -5.377  1.00 22.32 ? 3  DC  A "O5'" 1 
ATOM   43  C  "C5'" . DC  A 1 3  ? 7.670   -11.381 -6.615  1.00 21.23 ? 3  DC  A "C5'" 1 
ATOM   44  C  "C4'" . DC  A 1 3  ? 6.184   -11.145 -6.825  1.00 19.50 ? 3  DC  A "C4'" 1 
ATOM   45  O  "O4'" . DC  A 1 3  ? 5.462   -11.700 -5.752  1.00 18.27 ? 3  DC  A "O4'" 1 
ATOM   46  C  "C3'" . DC  A 1 3  ? 5.803   -9.691  -6.844  1.00 21.54 ? 3  DC  A "C3'" 1 
ATOM   47  O  "O3'" . DC  A 1 3  ? 5.878   -9.197  -8.180  1.00 24.44 ? 3  DC  A "O3'" 1 
ATOM   48  C  "C2'" . DC  A 1 3  ? 4.392   -9.745  -6.369  1.00 19.16 ? 3  DC  A "C2'" 1 
ATOM   49  C  "C1'" . DC  A 1 3  ? 4.224   -10.988 -5.608  1.00 15.42 ? 3  DC  A "C1'" 1 
ATOM   50  N  N1    . DC  A 1 3  ? 3.965   -10.787 -4.193  1.00 13.15 ? 3  DC  A N1    1 
ATOM   51  C  C2    . DC  A 1 3  ? 2.722   -11.038 -3.722  1.00 12.29 ? 3  DC  A C2    1 
ATOM   52  O  O2    . DC  A 1 3  ? 1.783   -11.356 -4.452  1.00 15.59 ? 3  DC  A O2    1 
ATOM   53  N  N3    . DC  A 1 3  ? 2.528   -10.917 -2.385  1.00 12.61 ? 3  DC  A N3    1 
ATOM   54  C  C4    . DC  A 1 3  ? 3.500   -10.587 -1.536  1.00 9.95  ? 3  DC  A C4    1 
ATOM   55  N  N4    . DC  A 1 3  ? 3.224   -10.519 -0.230  1.00 13.49 ? 3  DC  A N4    1 
ATOM   56  C  C5    . DC  A 1 3  ? 4.788   -10.318 -2.008  1.00 10.51 ? 3  DC  A C5    1 
ATOM   57  C  C6    . DC  A 1 3  ? 4.973   -10.438 -3.340  1.00 12.78 ? 3  DC  A C6    1 
ATOM   58  P  P     . DG  A 1 4  ? 5.604   -7.688  -8.584  1.00 25.45 ? 4  DG  A P     1 
ATOM   59  O  OP1   . DG  A 1 4  ? 6.180   -7.492  -9.909  1.00 30.41 ? 4  DG  A OP1   1 
ATOM   60  O  OP2   . DG  A 1 4  ? 5.924   -6.767  -7.476  1.00 28.23 ? 4  DG  A OP2   1 
ATOM   61  O  "O5'" . DG  A 1 4  ? 4.064   -7.660  -8.715  1.00 25.69 ? 4  DG  A "O5'" 1 
ATOM   62  C  "C5'" . DG  A 1 4  ? 3.330   -8.421  -9.643  1.00 24.10 ? 4  DG  A "C5'" 1 
ATOM   63  C  "C4'" . DG  A 1 4  ? 1.892   -8.040  -9.373  1.00 24.24 ? 4  DG  A "C4'" 1 
ATOM   64  O  "O4'" . DG  A 1 4  ? 1.414   -8.482  -8.085  1.00 23.65 ? 4  DG  A "O4'" 1 
ATOM   65  C  "C3'" . DG  A 1 4  ? 1.724   -6.491  -9.411  1.00 26.19 ? 4  DG  A "C3'" 1 
ATOM   66  O  "O3'" . DG  A 1 4  ? 0.572   -6.264  -10.223 1.00 31.21 ? 4  DG  A "O3'" 1 
ATOM   67  C  "C2'" . DG  A 1 4  ? 1.531   -6.147  -7.970  1.00 23.49 ? 4  DG  A "C2'" 1 
ATOM   68  C  "C1'" . DG  A 1 4  ? 0.900   -7.389  -7.301  1.00 21.49 ? 4  DG  A "C1'" 1 
ATOM   69  N  N9    . DG  A 1 4  ? 1.366   -7.399  -5.893  1.00 15.80 ? 4  DG  A N9    1 
ATOM   70  C  C8    . DG  A 1 4  ? 2.602   -7.046  -5.427  1.00 14.22 ? 4  DG  A C8    1 
ATOM   71  N  N7    . DG  A 1 4  ? 2.735   -7.091  -4.140  1.00 13.93 ? 4  DG  A N7    1 
ATOM   72  C  C5    . DG  A 1 4  ? 1.489   -7.539  -3.750  1.00 12.36 ? 4  DG  A C5    1 
ATOM   73  C  C6    . DG  A 1 4  ? 1.029   -7.793  -2.475  1.00 13.83 ? 4  DG  A C6    1 
ATOM   74  O  O6    . DG  A 1 4  ? 1.638   -7.686  -1.426  1.00 20.86 ? 4  DG  A O6    1 
ATOM   75  N  N1    . DG  A 1 4  ? -0.286  -8.197  -2.471  1.00 15.86 ? 4  DG  A N1    1 
ATOM   76  C  C2    . DG  A 1 4  ? -1.083  -8.332  -3.575  1.00 14.91 ? 4  DG  A C2    1 
ATOM   77  N  N2    . DG  A 1 4  ? -2.344  -8.721  -3.364  1.00 17.92 ? 4  DG  A N2    1 
ATOM   78  N  N3    . DG  A 1 4  ? -0.640  -8.088  -4.800  1.00 14.03 ? 4  DG  A N3    1 
ATOM   79  C  C4    . DG  A 1 4  ? 0.647   -7.699  -4.804  1.00 12.69 ? 4  DG  A C4    1 
ATOM   80  P  P     . DA  A 1 5  ? -0.360  -4.993  -10.415 1.00 33.54 ? 5  DA  A P     1 
ATOM   81  O  OP1   . DA  A 1 5  ? -1.088  -5.238  -11.674 1.00 32.45 ? 5  DA  A OP1   1 
ATOM   82  O  OP2   . DA  A 1 5  ? 0.498   -3.790  -10.249 1.00 34.61 ? 5  DA  A OP2   1 
ATOM   83  O  "O5'" . DA  A 1 5  ? -1.431  -5.031  -9.236  1.00 30.83 ? 5  DA  A "O5'" 1 
ATOM   84  C  "C5'" . DA  A 1 5  ? -2.543  -5.920  -9.355  1.00 27.28 ? 5  DA  A "C5'" 1 
ATOM   85  C  "C4'" . DA  A 1 5  ? -3.552  -5.684  -8.265  1.00 24.98 ? 5  DA  A "C4'" 1 
ATOM   86  O  "O4'" . DA  A 1 5  ? -2.845  -5.860  -7.027  1.00 23.30 ? 5  DA  A "O4'" 1 
ATOM   87  C  "C3'" . DA  A 1 5  ? -4.176  -4.279  -8.268  1.00 23.08 ? 5  DA  A "C3'" 1 
ATOM   88  O  "O3'" . DA  A 1 5  ? -5.540  -4.477  -7.928  1.00 23.74 ? 5  DA  A "O3'" 1 
ATOM   89  C  "C2'" . DA  A 1 5  ? -3.370  -3.615  -7.166  1.00 22.81 ? 5  DA  A "C2'" 1 
ATOM   90  C  "C1'" . DA  A 1 5  ? -2.991  -4.732  -6.173  1.00 21.69 ? 5  DA  A "C1'" 1 
ATOM   91  N  N9    . DA  A 1 5  ? -1.707  -4.518  -5.435  1.00 18.49 ? 5  DA  A N9    1 
ATOM   92  C  C8    . DA  A 1 5  ? -0.486  -4.098  -5.916  1.00 17.02 ? 5  DA  A C8    1 
ATOM   93  N  N7    . DA  A 1 5  ? 0.451   -4.007  -4.996  1.00 16.49 ? 5  DA  A N7    1 
ATOM   94  C  C5    . DA  A 1 5  ? -0.204  -4.382  -3.834  1.00 14.19 ? 5  DA  A C5    1 
ATOM   95  C  C6    . DA  A 1 5  ? 0.232   -4.483  -2.533  1.00 13.38 ? 5  DA  A C6    1 
ATOM   96  N  N6    . DA  A 1 5  ? 1.480   -4.197  -2.242  1.00 16.40 ? 5  DA  A N6    1 
ATOM   97  N  N1    . DA  A 1 5  ? -0.635  -4.856  -1.586  1.00 14.55 ? 5  DA  A N1    1 
ATOM   98  C  C2    . DA  A 1 5  ? -1.889  -5.113  -1.917  1.00 13.80 ? 5  DA  A C2    1 
ATOM   99  N  N3    . DA  A 1 5  ? -2.435  -5.064  -3.131  1.00 16.17 ? 5  DA  A N3    1 
ATOM   100 C  C4    . DA  A 1 5  ? -1.515  -4.688  -4.069  1.00 15.29 ? 5  DA  A C4    1 
ATOM   101 P  P     . DA  A 1 6  ? -6.636  -3.335  -7.771  1.00 22.99 ? 6  DA  A P     1 
ATOM   102 O  OP1   . DA  A 1 6  ? -7.951  -3.873  -8.186  1.00 25.13 ? 6  DA  A OP1   1 
ATOM   103 O  OP2   . DA  A 1 6  ? -6.152  -2.082  -8.382  1.00 25.63 ? 6  DA  A OP2   1 
ATOM   104 O  "O5'" . DA  A 1 6  ? -6.798  -2.999  -6.238  1.00 22.37 ? 6  DA  A "O5'" 1 
ATOM   105 C  "C5'" . DA  A 1 6  ? -7.403  -3.831  -5.267  1.00 19.37 ? 6  DA  A "C5'" 1 
ATOM   106 C  "C4'" . DA  A 1 6  ? -7.193  -3.207  -3.909  1.00 18.35 ? 6  DA  A "C4'" 1 
ATOM   107 O  "O4'" . DA  A 1 6  ? -5.813  -3.099  -3.638  1.00 17.59 ? 6  DA  A "O4'" 1 
ATOM   108 C  "C3'" . DA  A 1 6  ? -7.699  -1.806  -3.828  1.00 18.90 ? 6  DA  A "C3'" 1 
ATOM   109 O  "O3'" . DA  A 1 6  ? -8.404  -1.860  -2.625  1.00 21.09 ? 6  DA  A "O3'" 1 
ATOM   110 C  "C2'" . DA  A 1 6  ? -6.425  -0.994  -3.740  1.00 18.29 ? 6  DA  A "C2'" 1 
ATOM   111 C  "C1'" . DA  A 1 6  ? -5.516  -1.892  -2.985  1.00 16.42 ? 6  DA  A "C1'" 1 
ATOM   112 N  N9    . DA  A 1 6  ? -4.069  -1.639  -3.141  1.00 14.56 ? 6  DA  A N9    1 
ATOM   113 C  C8    . DA  A 1 6  ? -3.400  -1.392  -4.291  1.00 14.66 ? 6  DA  A C8    1 
ATOM   114 N  N7    . DA  A 1 6  ? -2.111  -1.223  -4.116  1.00 16.53 ? 6  DA  A N7    1 
ATOM   115 C  C5    . DA  A 1 6  ? -1.909  -1.402  -2.750  1.00 13.07 ? 6  DA  A C5    1 
ATOM   116 C  C6    . DA  A 1 6  ? -0.756  -1.353  -1.950  1.00 11.91 ? 6  DA  A C6    1 
ATOM   117 N  N6    . DA  A 1 6  ? 0.453   -1.134  -2.452  1.00 10.37 ? 6  DA  A N6    1 
ATOM   118 N  N1    . DA  A 1 6  ? -0.907  -1.554  -0.648  1.00 12.13 ? 6  DA  A N1    1 
ATOM   119 C  C2    . DA  A 1 6  ? -2.104  -1.794  -0.169  1.00 12.66 ? 6  DA  A C2    1 
ATOM   120 N  N3    . DA  A 1 6  ? -3.259  -1.864  -0.816  1.00 16.39 ? 6  DA  A N3    1 
ATOM   121 C  C4    . DA  A 1 6  ? -3.091  -1.669  -2.141  1.00 13.54 ? 6  DA  A C4    1 
HETATM 122 P  P     . T48 A 1 7  ? -9.431  -0.772  -2.209  1.00 21.70 ? 7  T48 A P     1 
HETATM 123 O  O1P   . T48 A 1 7  ? -10.673 -1.383  -1.716  1.00 23.30 ? 7  T48 A O1P   1 
HETATM 124 O  O2P   . T48 A 1 7  ? -9.428  0.282   -3.261  1.00 23.24 ? 7  T48 A O2P   1 
HETATM 125 O  "O5'" . T48 A 1 7  ? -8.651  -0.200  -0.974  1.00 22.43 ? 7  T48 A "O5'" 1 
HETATM 126 C  "C5'" . T48 A 1 7  ? -8.661  -0.856  0.282   1.00 21.87 ? 7  T48 A "C5'" 1 
HETATM 127 C  "C4'" . T48 A 1 7  ? -7.648  -0.183  1.212   1.00 21.01 ? 7  T48 A "C4'" 1 
HETATM 128 C  "C3'" . T48 A 1 7  ? -7.932  1.327   1.356   1.00 21.19 ? 7  T48 A "C3'" 1 
HETATM 129 O  "O3'" . T48 A 1 7  ? -7.582  1.712   2.634   1.00 24.12 ? 7  T48 A "O3'" 1 
HETATM 130 C  "C2'" . T48 A 1 7  ? -6.896  2.007   0.525   1.00 19.39 ? 7  T48 A "C2'" 1 
HETATM 131 C  "C1'" . T48 A 1 7  ? -5.728  1.136   0.765   1.00 17.61 ? 7  T48 A "C1'" 1 
HETATM 132 N  N1    . T48 A 1 7  ? -4.621  1.431   -0.126  1.00 17.03 ? 7  T48 A N1    1 
HETATM 133 C  C2    . T48 A 1 7  ? -3.363  1.446   0.494   1.00 17.51 ? 7  T48 A C2    1 
HETATM 134 O  O2    . T48 A 1 7  ? -3.207  1.258   1.710   1.00 19.94 ? 7  T48 A O2    1 
HETATM 135 N  N3    . T48 A 1 7  ? -2.289  1.721   -0.334  1.00 13.35 ? 7  T48 A N3    1 
HETATM 136 C  C4    . T48 A 1 7  ? -2.372  1.966   -1.674  1.00 12.53 ? 7  T48 A C4    1 
HETATM 137 O  O4    . T48 A 1 7  ? -1.328  2.173   -2.287  1.00 13.76 ? 7  T48 A O4    1 
HETATM 138 C  C5    . T48 A 1 7  ? -3.716  1.930   -2.223  1.00 13.21 ? 7  T48 A C5    1 
HETATM 139 C  C5M   . T48 A 1 7  ? -3.906  2.166   -3.708  1.00 14.26 ? 7  T48 A C5M   1 
HETATM 140 C  C     . T48 A 1 7  ? -6.286  -0.246  0.544   1.00 20.66 ? 7  T48 A C     1 
HETATM 141 C  C6    . T48 A 1 7  ? -4.781  1.671   -1.461  1.00 12.97 ? 7  T48 A C6    1 
HETATM 142 O  O     . T48 A 1 7  ? -5.468  -1.367  0.979   1.00 22.24 ? 7  T48 A O     1 
HETATM 143 P  P     . T48 A 1 8  ? -8.667  1.892   3.722   1.00 28.44 ? 8  T48 A P     1 
HETATM 144 O  O1P   . T48 A 1 8  ? -9.179  0.563   4.080   1.00 30.34 ? 8  T48 A O1P   1 
HETATM 145 O  O2P   . T48 A 1 8  ? -9.574  2.947   3.183   1.00 28.80 ? 8  T48 A O2P   1 
HETATM 146 O  "O5'" . T48 A 1 8  ? -7.801  2.456   4.969   1.00 27.96 ? 8  T48 A "O5'" 1 
HETATM 147 C  "C5'" . T48 A 1 8  ? -6.719  1.764   5.624   1.00 25.72 ? 8  T48 A "C5'" 1 
HETATM 148 C  "C4'" . T48 A 1 8  ? -5.440  2.590   5.719   1.00 23.93 ? 8  T48 A "C4'" 1 
HETATM 149 C  "C3'" . T48 A 1 8  ? -5.737  4.021   6.172   1.00 28.47 ? 8  T48 A "C3'" 1 
HETATM 150 O  "O3'" . T48 A 1 8  ? -5.145  4.126   7.476   1.00 34.84 ? 8  T48 A "O3'" 1 
HETATM 151 C  "C2'" . T48 A 1 8  ? -5.113  4.926   5.095   1.00 24.21 ? 8  T48 A "C2'" 1 
HETATM 152 C  "C1'" . T48 A 1 8  ? -4.013  4.090   4.560   1.00 21.55 ? 8  T48 A "C1'" 1 
HETATM 153 N  N1    . T48 A 1 8  ? -3.528  4.495   3.244   1.00 21.53 ? 8  T48 A N1    1 
HETATM 154 C  C2    . T48 A 1 8  ? -2.167  4.537   3.042   1.00 20.69 ? 8  T48 A C2    1 
HETATM 155 O  O2    . T48 A 1 8  ? -1.337  4.330   3.915   1.00 24.57 ? 8  T48 A O2    1 
HETATM 156 N  N3    . T48 A 1 8  ? -1.752  4.828   1.769   1.00 20.50 ? 8  T48 A N3    1 
HETATM 157 C  C4    . T48 A 1 8  ? -2.549  5.068   0.668   1.00 19.10 ? 8  T48 A C4    1 
HETATM 158 O  O4    . T48 A 1 8  ? -1.994  5.280   -0.415  1.00 18.24 ? 8  T48 A O4    1 
HETATM 159 C  C5    . T48 A 1 8  ? -3.973  5.010   0.964   1.00 18.72 ? 8  T48 A C5    1 
HETATM 160 C  C5M   . T48 A 1 8  ? -5.045  5.244   -0.108  1.00 17.58 ? 8  T48 A C5M   1 
HETATM 161 C  C     . T48 A 1 8  ? -4.756  2.754   4.426   1.00 21.61 ? 8  T48 A C     1 
HETATM 162 C  C6    . T48 A 1 8  ? -4.408  4.723   2.209   1.00 20.34 ? 8  T48 A C6    1 
HETATM 163 O  O     . T48 A 1 8  ? -3.943  1.606   4.219   1.00 22.31 ? 8  T48 A O     1 
ATOM   164 P  P     . DC  A 1 9  ? -5.076  5.440   8.416   1.00 36.56 ? 9  DC  A P     1 
ATOM   165 O  OP1   . DC  A 1 9  ? -5.913  5.198   9.609   1.00 39.62 ? 9  DC  A OP1   1 
ATOM   166 O  OP2   . DC  A 1 9  ? -5.273  6.658   7.603   1.00 38.68 ? 9  DC  A OP2   1 
ATOM   167 O  "O5'" . DC  A 1 9  ? -3.561  5.331   8.846   1.00 37.26 ? 9  DC  A "O5'" 1 
ATOM   168 C  "C5'" . DC  A 1 9  ? -2.613  5.338   7.774   1.00 38.08 ? 9  DC  A "C5'" 1 
ATOM   169 C  "C4'" . DC  A 1 9  ? -1.261  5.950   8.082   1.00 37.47 ? 9  DC  A "C4'" 1 
ATOM   170 O  "O4'" . DC  A 1 9  ? -0.586  6.172   6.813   1.00 35.73 ? 9  DC  A "O4'" 1 
ATOM   171 C  "C3'" . DC  A 1 9  ? -1.409  7.316   8.769   1.00 38.15 ? 9  DC  A "C3'" 1 
ATOM   172 O  "O3'" . DC  A 1 9  ? -0.288  7.489   9.660   1.00 41.80 ? 9  DC  A "O3'" 1 
ATOM   173 C  "C2'" . DC  A 1 9  ? -1.405  8.243   7.575   1.00 34.79 ? 9  DC  A "C2'" 1 
ATOM   174 C  "C1'" . DC  A 1 9  ? -0.542  7.566   6.510   1.00 31.13 ? 9  DC  A "C1'" 1 
ATOM   175 N  N1    . DC  A 1 9  ? -1.105  7.747   5.175   1.00 25.63 ? 9  DC  A N1    1 
ATOM   176 C  C2    . DC  A 1 9  ? -0.241  7.860   4.100   1.00 25.31 ? 9  DC  A C2    1 
ATOM   177 O  O2    . DC  A 1 9  ? 0.988   7.825   4.165   1.00 24.56 ? 9  DC  A O2    1 
ATOM   178 N  N3    . DC  A 1 9  ? -0.795  8.040   2.889   1.00 24.12 ? 9  DC  A N3    1 
ATOM   179 C  C4    . DC  A 1 9  ? -2.129  8.111   2.746   1.00 23.08 ? 9  DC  A C4    1 
ATOM   180 N  N4    . DC  A 1 9  ? -2.615  8.283   1.517   1.00 24.66 ? 9  DC  A N4    1 
ATOM   181 C  C5    . DC  A 1 9  ? -3.026  8.008   3.835   1.00 21.95 ? 9  DC  A C5    1 
ATOM   182 C  C6    . DC  A 1 9  ? -2.463  7.813   5.032   1.00 23.15 ? 9  DC  A C6    1 
ATOM   183 P  P     . DG  A 1 10 ? -0.202  8.445   10.963  1.00 40.98 ? 10 DG  A P     1 
ATOM   184 O  OP1   . DG  A 1 10 ? 0.529   7.684   12.006  1.00 43.01 ? 10 DG  A OP1   1 
ATOM   185 O  OP2   . DG  A 1 10 ? -1.529  9.070   11.244  1.00 41.80 ? 10 DG  A OP2   1 
ATOM   186 O  "O5'" . DG  A 1 10 ? 0.774   9.574   10.368  1.00 41.67 ? 10 DG  A "O5'" 1 
ATOM   187 C  "C5'" . DG  A 1 10 ? 2.125   9.284   9.962   1.00 38.27 ? 10 DG  A "C5'" 1 
ATOM   188 C  "C4'" . DG  A 1 10 ? 2.665   10.340  9.004   1.00 36.62 ? 10 DG  A "C4'" 1 
ATOM   189 O  "O4'" . DG  A 1 10 ? 2.025   10.317  7.708   1.00 33.02 ? 10 DG  A "O4'" 1 
ATOM   190 C  "C3'" . DG  A 1 10 ? 2.437   11.730  9.580   1.00 36.46 ? 10 DG  A "C3'" 1 
ATOM   191 O  "O3'" . DG  A 1 10 ? 3.492   12.579  9.109   1.00 41.80 ? 10 DG  A "O3'" 1 
ATOM   192 C  "C2'" . DG  A 1 10 ? 1.167   12.085  8.833   1.00 32.34 ? 10 DG  A "C2'" 1 
ATOM   193 C  "C1'" . DG  A 1 10 ? 1.483   11.585  7.467   1.00 29.23 ? 10 DG  A "C1'" 1 
ATOM   194 N  N9    . DG  A 1 10 ? 0.342   11.531  6.578   1.00 25.89 ? 10 DG  A N9    1 
ATOM   195 C  C8    . DG  A 1 10 ? -0.982  11.427  6.868   1.00 24.40 ? 10 DG  A C8    1 
ATOM   196 N  N7    . DG  A 1 10 ? -1.755  11.433  5.823   1.00 23.05 ? 10 DG  A N7    1 
ATOM   197 C  C5    . DG  A 1 10 ? -0.863  11.573  4.766   1.00 21.82 ? 10 DG  A C5    1 
ATOM   198 C  C6    . DG  A 1 10 ? -1.106  11.640  3.384   1.00 20.05 ? 10 DG  A C6    1 
ATOM   199 O  O6    . DG  A 1 10 ? -2.182  11.591  2.799   1.00 20.80 ? 10 DG  A O6    1 
ATOM   200 N  N1    . DG  A 1 10 ? 0.066   11.784  2.665   1.00 18.35 ? 10 DG  A N1    1 
ATOM   201 C  C2    . DG  A 1 10 ? 1.314   11.849  3.198   1.00 16.17 ? 10 DG  A C2    1 
ATOM   202 N  N2    . DG  A 1 10 ? 2.317   11.985  2.377   1.00 14.53 ? 10 DG  A N2    1 
ATOM   203 N  N3    . DG  A 1 10 ? 1.556   11.756  4.491   1.00 21.01 ? 10 DG  A N3    1 
ATOM   204 C  C4    . DG  A 1 10 ? 0.420   11.624  5.219   1.00 22.42 ? 10 DG  A C4    1 
ATOM   205 P  P     . DC  A 1 11 ? 4.953   12.855  9.772   1.00 43.94 ? 11 DC  A P     1 
ATOM   206 O  OP1   . DC  A 1 11 ? 5.451   11.651  10.505  1.00 44.08 ? 11 DC  A OP1   1 
ATOM   207 O  OP2   . DC  A 1 11 ? 4.789   14.173  10.439  1.00 44.34 ? 11 DC  A OP2   1 
ATOM   208 O  "O5'" . DC  A 1 11 ? 5.928   13.088  8.559   1.00 41.12 ? 11 DC  A "O5'" 1 
ATOM   209 C  "C5'" . DC  A 1 11 ? 6.458   12.000  7.802   1.00 40.78 ? 11 DC  A "C5'" 1 
ATOM   210 C  "C4'" . DC  A 1 11 ? 6.798   12.455  6.367   1.00 40.25 ? 11 DC  A "C4'" 1 
ATOM   211 O  "O4'" . DC  A 1 11 ? 5.631   12.730  5.526   1.00 38.49 ? 11 DC  A "O4'" 1 
ATOM   212 C  "C3'" . DC  A 1 11 ? 7.611   13.748  6.456   1.00 38.99 ? 11 DC  A "C3'" 1 
ATOM   213 O  "O3'" . DC  A 1 11 ? 8.710   13.588  5.562   1.00 40.94 ? 11 DC  A "O3'" 1 
ATOM   214 C  "C2'" . DC  A 1 11 ? 6.584   14.832  6.078   1.00 37.44 ? 11 DC  A "C2'" 1 
ATOM   215 C  "C1'" . DC  A 1 11 ? 5.536   14.133  5.201   1.00 34.12 ? 11 DC  A "C1'" 1 
ATOM   216 N  N1    . DC  A 1 11 ? 4.118   14.548  5.368   1.00 28.54 ? 11 DC  A N1    1 
ATOM   217 C  C2    . DC  A 1 11 ? 3.375   14.646  4.240   1.00 26.17 ? 11 DC  A C2    1 
ATOM   218 O  O2    . DC  A 1 11 ? 3.859   14.446  3.143   1.00 27.54 ? 11 DC  A O2    1 
ATOM   219 N  N3    . DC  A 1 11 ? 2.078   14.987  4.294   1.00 24.08 ? 11 DC  A N3    1 
ATOM   220 C  C4    . DC  A 1 11 ? 1.502   15.259  5.448   1.00 26.81 ? 11 DC  A C4    1 
ATOM   221 N  N4    . DC  A 1 11 ? 0.213   15.606  5.428   1.00 26.36 ? 11 DC  A N4    1 
ATOM   222 C  C5    . DC  A 1 11 ? 2.256   15.181  6.663   1.00 27.15 ? 11 DC  A C5    1 
ATOM   223 C  C6    . DC  A 1 11 ? 3.550   14.804  6.566   1.00 27.35 ? 11 DC  A C6    1 
ATOM   224 P  P     . DG  A 1 12 ? 9.808   14.725  5.332   1.00 41.57 ? 12 DG  A P     1 
ATOM   225 O  OP1   . DG  A 1 12 ? 10.995  14.058  4.721   1.00 41.43 ? 12 DG  A OP1   1 
ATOM   226 O  OP2   . DG  A 1 12 ? 9.903   15.533  6.576   1.00 42.61 ? 12 DG  A OP2   1 
ATOM   227 O  "O5'" . DG  A 1 12 ? 9.167   15.805  4.312   1.00 40.85 ? 12 DG  A "O5'" 1 
ATOM   228 C  "C5'" . DG  A 1 12 ? 9.228   15.816  2.882   1.00 35.14 ? 12 DG  A "C5'" 1 
ATOM   229 C  "C4'" . DG  A 1 12 ? 8.460   17.009  2.393   1.00 30.73 ? 12 DG  A "C4'" 1 
ATOM   230 O  "O4'" . DG  A 1 12 ? 7.140   16.948  2.897   1.00 27.94 ? 12 DG  A "O4'" 1 
ATOM   231 C  "C3'" . DG  A 1 12 ? 9.089   18.260  2.939   1.00 29.31 ? 12 DG  A "C3'" 1 
ATOM   232 O  "O3'" . DG  A 1 12 ? 10.012  18.742  1.973   1.00 33.01 ? 12 DG  A "O3'" 1 
ATOM   233 C  "C2'" . DG  A 1 12 ? 7.909   19.159  3.204   1.00 28.93 ? 12 DG  A "C2'" 1 
ATOM   234 C  "C1'" . DG  A 1 12 ? 6.692   18.275  2.897   1.00 26.99 ? 12 DG  A "C1'" 1 
ATOM   235 N  N9    . DG  A 1 12 ? 5.569   18.327  3.839   1.00 24.71 ? 12 DG  A N9    1 
ATOM   236 C  C8    . DG  A 1 12 ? 5.570   18.277  5.196   1.00 24.69 ? 12 DG  A C8    1 
ATOM   237 N  N7    . DG  A 1 12 ? 4.387   18.354  5.728   1.00 24.21 ? 12 DG  A N7    1 
ATOM   238 C  C5    . DG  A 1 12 ? 3.554   18.445  4.638   1.00 23.42 ? 12 DG  A C5    1 
ATOM   239 C  C6    . DG  A 1 12 ? 2.153   18.537  4.593   1.00 23.57 ? 12 DG  A C6    1 
ATOM   240 O  O6    . DG  A 1 12 ? 1.351   18.560  5.528   1.00 26.19 ? 12 DG  A O6    1 
ATOM   241 N  N1    . DG  A 1 12 ? 1.691   18.604  3.298   1.00 23.68 ? 12 DG  A N1    1 
ATOM   242 C  C2    . DG  A 1 12 ? 2.472   18.603  2.174   1.00 22.42 ? 12 DG  A C2    1 
ATOM   243 N  N2    . DG  A 1 12 ? 1.843   18.706  1.006   1.00 23.94 ? 12 DG  A N2    1 
ATOM   244 N  N3    . DG  A 1 12 ? 3.798   18.503  2.210   1.00 23.52 ? 12 DG  A N3    1 
ATOM   245 C  C4    . DG  A 1 12 ? 4.265   18.433  3.478   1.00 22.63 ? 12 DG  A C4    1 
ATOM   246 O  "O5'" . DC  B 1 1  ? -5.777  22.500  0.013   1.00 50.05 ? 13 DC  B "O5'" 1 
ATOM   247 C  "C5'" . DC  B 1 1  ? -6.156  21.129  -0.020  1.00 43.88 ? 13 DC  B "C5'" 1 
ATOM   248 C  "C4'" . DC  B 1 1  ? -5.025  20.322  -0.621  1.00 42.43 ? 13 DC  B "C4'" 1 
ATOM   249 O  "O4'" . DC  B 1 1  ? -3.886  20.387  0.242   1.00 39.49 ? 13 DC  B "O4'" 1 
ATOM   250 C  "C3'" . DC  B 1 1  ? -5.403  18.864  -0.714  1.00 42.45 ? 13 DC  B "C3'" 1 
ATOM   251 O  "O3'" . DC  B 1 1  ? -4.683  18.265  -1.771  1.00 44.59 ? 13 DC  B "O3'" 1 
ATOM   252 C  "C2'" . DC  B 1 1  ? -4.875  18.329  0.583   1.00 40.49 ? 13 DC  B "C2'" 1 
ATOM   253 C  "C1'" . DC  B 1 1  ? -3.582  19.056  0.665   1.00 38.58 ? 13 DC  B "C1'" 1 
ATOM   254 N  N1    . DC  B 1 1  ? -3.041  19.101  2.005   1.00 36.97 ? 13 DC  B N1    1 
ATOM   255 C  C2    . DC  B 1 1  ? -1.689  18.942  2.119   1.00 34.89 ? 13 DC  B C2    1 
ATOM   256 O  O2    . DC  B 1 1  ? -0.962  18.743  1.163   1.00 31.02 ? 13 DC  B O2    1 
ATOM   257 N  N3    . DC  B 1 1  ? -1.145  19.016  3.344   1.00 37.53 ? 13 DC  B N3    1 
ATOM   258 C  C4    . DC  B 1 1  ? -1.888  19.273  4.433   1.00 38.45 ? 13 DC  B C4    1 
ATOM   259 N  N4    . DC  B 1 1  ? -1.293  19.344  5.629   1.00 38.27 ? 13 DC  B N4    1 
ATOM   260 C  C5    . DC  B 1 1  ? -3.300  19.459  4.315   1.00 39.27 ? 13 DC  B C5    1 
ATOM   261 C  C6    . DC  B 1 1  ? -3.825  19.368  3.077   1.00 37.42 ? 13 DC  B C6    1 
ATOM   262 P  P     . DG  B 1 2  ? -5.393  18.019  -3.176  1.00 45.60 ? 14 DG  B P     1 
ATOM   263 O  OP1   . DG  B 1 2  ? -5.809  19.352  -3.693  1.00 46.96 ? 14 DG  B OP1   1 
ATOM   264 O  OP2   . DG  B 1 2  ? -6.372  16.904  -3.026  1.00 42.94 ? 14 DG  B OP2   1 
ATOM   265 O  "O5'" . DG  B 1 2  ? -4.224  17.538  -4.125  1.00 42.09 ? 14 DG  B "O5'" 1 
ATOM   266 C  "C5'" . DG  B 1 2  ? -3.178  18.438  -4.467  1.00 35.13 ? 14 DG  B "C5'" 1 
ATOM   267 C  "C4'" . DG  B 1 2  ? -1.854  17.770  -4.282  1.00 29.64 ? 14 DG  B "C4'" 1 
ATOM   268 O  "O4'" . DG  B 1 2  ? -1.618  17.613  -2.900  1.00 25.81 ? 14 DG  B "O4'" 1 
ATOM   269 C  "C3'" . DG  B 1 2  ? -1.945  16.389  -4.887  1.00 27.14 ? 14 DG  B "C3'" 1 
ATOM   270 O  "O3'" . DG  B 1 2  ? -1.115  16.306  -6.021  1.00 28.19 ? 14 DG  B "O3'" 1 
ATOM   271 C  "C2'" . DG  B 1 2  ? -1.532  15.500  -3.756  1.00 26.91 ? 14 DG  B "C2'" 1 
ATOM   272 C  "C1'" . DG  B 1 2  ? -0.869  16.408  -2.769  1.00 24.79 ? 14 DG  B "C1'" 1 
ATOM   273 N  N9    . DG  B 1 2  ? -1.188  15.967  -1.434  1.00 21.23 ? 14 DG  B N9    1 
ATOM   274 C  C8    . DG  B 1 2  ? -2.411  15.798  -0.910  1.00 18.60 ? 14 DG  B C8    1 
ATOM   275 N  N7    . DG  B 1 2  ? -2.404  15.466  0.319   1.00 18.18 ? 14 DG  B N7    1 
ATOM   276 C  C5    . DG  B 1 2  ? -1.066  15.421  0.634   1.00 18.90 ? 14 DG  B C5    1 
ATOM   277 C  C6    . DG  B 1 2  ? -0.468  15.075  1.842   1.00 20.67 ? 14 DG  B C6    1 
ATOM   278 O  O6    . DG  B 1 2  ? -1.057  14.763  2.888   1.00 24.25 ? 14 DG  B O6    1 
ATOM   279 N  N1    . DG  B 1 2  ? 0.911   15.119  1.740   1.00 19.58 ? 14 DG  B N1    1 
ATOM   280 C  C2    . DG  B 1 2  ? 1.617   15.436  0.623   1.00 18.06 ? 14 DG  B C2    1 
ATOM   281 N  N2    . DG  B 1 2  ? 2.936   15.410  0.705   1.00 17.66 ? 14 DG  B N2    1 
ATOM   282 N  N3    . DG  B 1 2  ? 1.048   15.761  -0.523  1.00 20.03 ? 14 DG  B N3    1 
ATOM   283 C  C4    . DG  B 1 2  ? -0.300  15.728  -0.435  1.00 19.64 ? 14 DG  B C4    1 
ATOM   284 P  P     . DC  B 1 3  ? -0.839  14.921  -6.740  1.00 28.32 ? 15 DC  B P     1 
ATOM   285 O  OP1   . DC  B 1 3  ? -0.357  15.225  -8.094  1.00 30.35 ? 15 DC  B OP1   1 
ATOM   286 O  OP2   . DC  B 1 3  ? -2.063  14.127  -6.557  1.00 29.53 ? 15 DC  B OP2   1 
ATOM   287 O  "O5'" . DC  B 1 3  ? 0.309   14.163  -6.002  1.00 25.40 ? 15 DC  B "O5'" 1 
ATOM   288 C  "C5'" . DC  B 1 3  ? 1.673   14.542  -6.097  1.00 24.41 ? 15 DC  B "C5'" 1 
ATOM   289 C  "C4'" . DC  B 1 3  ? 2.388   13.900  -4.913  1.00 23.32 ? 15 DC  B "C4'" 1 
ATOM   290 O  "O4'" . DC  B 1 3  ? 1.608   14.033  -3.707  1.00 23.48 ? 15 DC  B "O4'" 1 
ATOM   291 C  "C3'" . DC  B 1 3  ? 2.483   12.424  -5.085  1.00 22.71 ? 15 DC  B "C3'" 1 
ATOM   292 O  "O3'" . DC  B 1 3  ? 3.625   12.220  -5.857  1.00 23.03 ? 15 DC  B "O3'" 1 
ATOM   293 C  "C2'" . DC  B 1 3  ? 2.661   11.951  -3.684  1.00 22.29 ? 15 DC  B "C2'" 1 
ATOM   294 C  "C1'" . DC  B 1 3  ? 1.879   12.895  -2.878  1.00 19.19 ? 15 DC  B "C1'" 1 
ATOM   295 N  N1    . DC  B 1 3  ? 0.669   12.457  -2.153  1.00 17.88 ? 15 DC  B N1    1 
ATOM   296 C  C2    . DC  B 1 3  ? 0.797   12.272  -0.787  1.00 15.65 ? 15 DC  B C2    1 
ATOM   297 O  O2    . DC  B 1 3  ? 1.892   12.370  -0.230  1.00 19.00 ? 15 DC  B O2    1 
ATOM   298 N  N3    . DC  B 1 3  ? -0.312  11.969  -0.065  1.00 12.91 ? 15 DC  B N3    1 
ATOM   299 C  C4    . DC  B 1 3  ? -1.517  11.885  -0.634  1.00 13.51 ? 15 DC  B C4    1 
ATOM   300 N  N4    . DC  B 1 3  ? -2.586  11.596  0.117   1.00 13.84 ? 15 DC  B N4    1 
ATOM   301 C  C5    . DC  B 1 3  ? -1.674  12.080  -2.039  1.00 14.39 ? 15 DC  B C5    1 
ATOM   302 C  C6    . DC  B 1 3  ? -0.554  12.357  -2.753  1.00 16.16 ? 15 DC  B C6    1 
ATOM   303 P  P     . DG  B 1 4  ? 3.945   10.825  -6.509  1.00 25.52 ? 16 DG  B P     1 
ATOM   304 O  OP1   . DG  B 1 4  ? 4.826   11.054  -7.657  1.00 28.87 ? 16 DG  B OP1   1 
ATOM   305 O  OP2   . DG  B 1 4  ? 2.673   10.077  -6.678  1.00 26.76 ? 16 DG  B OP2   1 
ATOM   306 O  "O5'" . DG  B 1 4  ? 4.874   10.185  -5.377  1.00 27.25 ? 16 DG  B "O5'" 1 
ATOM   307 C  "C5'" . DG  B 1 4  ? 6.128   10.735  -4.936  1.00 24.56 ? 16 DG  B "C5'" 1 
ATOM   308 C  "C4'" . DG  B 1 4  ? 6.547   10.115  -3.601  1.00 24.01 ? 16 DG  B "C4'" 1 
ATOM   309 O  "O4'" . DG  B 1 4  ? 5.440   10.199  -2.670  1.00 23.76 ? 16 DG  B "O4'" 1 
ATOM   310 C  "C3'" . DG  B 1 4  ? 6.927   8.640   -3.734  1.00 26.48 ? 16 DG  B "C3'" 1 
ATOM   311 O  "O3'" . DG  B 1 4  ? 8.125   8.363   -2.947  1.00 30.12 ? 16 DG  B "O3'" 1 
ATOM   312 C  "C2'" . DG  B 1 4  ? 5.624   7.966   -3.285  1.00 23.66 ? 16 DG  B "C2'" 1 
ATOM   313 C  "C1'" . DG  B 1 4  ? 5.028   8.875   -2.248  1.00 20.80 ? 16 DG  B "C1'" 1 
ATOM   314 N  N9    . DG  B 1 4  ? 3.556   8.745   -2.093  1.00 15.33 ? 16 DG  B N9    1 
ATOM   315 C  C8    . DG  B 1 4  ? 2.609   8.605   -3.054  1.00 11.56 ? 16 DG  B C8    1 
ATOM   316 N  N7    . DG  B 1 4  ? 1.392   8.557   -2.612  1.00 13.78 ? 16 DG  B N7    1 
ATOM   317 C  C5    . DG  B 1 4  ? 1.549   8.616   -1.235  1.00 12.42 ? 16 DG  B C5    1 
ATOM   318 C  C6    . DG  B 1 4  ? 0.580   8.551   -0.238  1.00 13.65 ? 16 DG  B C6    1 
ATOM   319 O  O6    . DG  B 1 4  ? -0.631  8.458   -0.373  1.00 16.48 ? 16 DG  B O6    1 
ATOM   320 N  N1    . DG  B 1 4  ? 1.126   8.591   1.031   1.00 14.67 ? 16 DG  B N1    1 
ATOM   321 C  C2    . DG  B 1 4  ? 2.459   8.680   1.320   1.00 13.30 ? 16 DG  B C2    1 
ATOM   322 N  N2    . DG  B 1 4  ? 2.760   8.705   2.623   1.00 15.35 ? 16 DG  B N2    1 
ATOM   323 N  N3    . DG  B 1 4  ? 3.397   8.730   0.376   1.00 12.87 ? 16 DG  B N3    1 
ATOM   324 C  C4    . DG  B 1 4  ? 2.866   8.718   -0.888  1.00 13.78 ? 16 DG  B C4    1 
ATOM   325 P  P     . DA  B 1 5  ? 8.789   6.965   -2.483  1.00 31.09 ? 17 DA  B P     1 
ATOM   326 O  OP1   . DA  B 1 5  ? 10.204  7.186   -2.135  1.00 31.03 ? 17 DA  B OP1   1 
ATOM   327 O  OP2   . DA  B 1 5  ? 8.406   5.862   -3.410  1.00 32.10 ? 17 DA  B OP2   1 
ATOM   328 O  "O5'" . DA  B 1 5  ? 7.986   6.803   -1.135  1.00 28.65 ? 17 DA  B "O5'" 1 
ATOM   329 C  "C5'" . DA  B 1 5  ? 8.327   7.616   -0.042  1.00 26.86 ? 17 DA  B "C5'" 1 
ATOM   330 C  "C4'" . DA  B 1 5  ? 7.840   7.025   1.228   1.00 26.55 ? 17 DA  B "C4'" 1 
ATOM   331 O  "O4'" . DA  B 1 5  ? 6.412   7.014   1.282   1.00 27.18 ? 17 DA  B "O4'" 1 
ATOM   332 C  "C3'" . DA  B 1 5  ? 8.302   5.574   1.332   1.00 30.24 ? 17 DA  B "C3'" 1 
ATOM   333 O  "O3'" . DA  B 1 5  ? 8.821   5.341   2.654   1.00 35.02 ? 17 DA  B "O3'" 1 
ATOM   334 C  "C2'" . DA  B 1 5  ? 7.033   4.808   0.996   1.00 28.53 ? 17 DA  B "C2'" 1 
ATOM   335 C  "C1'" . DA  B 1 5  ? 5.865   5.680   1.466   1.00 24.79 ? 17 DA  B "C1'" 1 
ATOM   336 N  N9    . DA  B 1 5  ? 4.687   5.477   0.582   1.00 19.20 ? 17 DA  B N9    1 
ATOM   337 C  C8    . DA  B 1 5  ? 4.687   5.349   -0.770  1.00 16.37 ? 17 DA  B C8    1 
ATOM   338 N  N7    . DA  B 1 5  ? 3.507   5.227   -1.278  1.00 15.99 ? 17 DA  B N7    1 
ATOM   339 C  C5    . DA  B 1 5  ? 2.679   5.261   -0.188  1.00 13.16 ? 17 DA  B C5    1 
ATOM   340 C  C6    . DA  B 1 5  ? 1.325   5.164   -0.074  1.00 14.15 ? 17 DA  B C6    1 
ATOM   341 N  N6    . DA  B 1 5  ? 0.545   5.015   -1.145  1.00 16.69 ? 17 DA  B N6    1 
ATOM   342 N  N1    . DA  B 1 5  ? 0.794   5.219   1.157   1.00 15.86 ? 17 DA  B N1    1 
ATOM   343 C  C2    . DA  B 1 5  ? 1.579   5.373   2.206   1.00 14.41 ? 17 DA  B C2    1 
ATOM   344 N  N3    . DA  B 1 5  ? 2.895   5.455   2.194   1.00 18.53 ? 17 DA  B N3    1 
ATOM   345 C  C4    . DA  B 1 5  ? 3.387   5.385   0.953   1.00 15.16 ? 17 DA  B C4    1 
ATOM   346 P  P     . DA  B 1 6  ? 9.306   3.987   3.381   1.00 35.69 ? 18 DA  B P     1 
ATOM   347 O  OP1   . DA  B 1 6  ? 10.143  4.453   4.506   1.00 38.00 ? 18 DA  B OP1   1 
ATOM   348 O  OP2   . DA  B 1 6  ? 9.809   2.985   2.385   1.00 34.98 ? 18 DA  B OP2   1 
ATOM   349 O  "O5'" . DA  B 1 6  ? 7.940   3.469   4.024   1.00 33.69 ? 18 DA  B "O5'" 1 
ATOM   350 C  "C5'" . DA  B 1 6  ? 7.154   4.109   5.031   1.00 28.50 ? 18 DA  B "C5'" 1 
ATOM   351 C  "C4'" . DA  B 1 6  ? 5.820   3.347   5.323   1.00 28.54 ? 18 DA  B "C4'" 1 
ATOM   352 O  "O4'" . DA  B 1 6  ? 4.815   3.361   4.267   1.00 25.96 ? 18 DA  B "O4'" 1 
ATOM   353 C  "C3'" . DA  B 1 6  ? 6.065   1.863   5.619   1.00 27.73 ? 18 DA  B "C3'" 1 
ATOM   354 O  "O3'" . DA  B 1 6  ? 5.151   1.566   6.686   1.00 32.27 ? 18 DA  B "O3'" 1 
ATOM   355 C  "C2'" . DA  B 1 6  ? 5.658   1.203   4.298   1.00 24.58 ? 18 DA  B "C2'" 1 
ATOM   356 C  "C1'" . DA  B 1 6  ? 4.445   2.015   3.887   1.00 19.87 ? 18 DA  B "C1'" 1 
ATOM   357 N  N9    . DA  B 1 6  ? 4.096   1.953   2.451   1.00 14.12 ? 18 DA  B N9    1 
ATOM   358 C  C8    . DA  B 1 6  ? 4.895   1.994   1.326   1.00 13.31 ? 18 DA  B C8    1 
ATOM   359 N  N7    . DA  B 1 6  ? 4.255   1.948   0.192   1.00 11.77 ? 18 DA  B N7    1 
ATOM   360 C  C5    . DA  B 1 6  ? 2.929   1.890   0.631   1.00 9.83  ? 18 DA  B C5    1 
ATOM   361 C  C6    . DA  B 1 6  ? 1.751   1.816   -0.064  1.00 7.23  ? 18 DA  B C6    1 
ATOM   362 N  N6    . DA  B 1 6  ? 1.763   1.818   -1.377  1.00 7.69  ? 18 DA  B N6    1 
ATOM   363 N  N1    . DA  B 1 6  ? 0.611   1.754   0.629   1.00 8.59  ? 18 DA  B N1    1 
ATOM   364 C  C2    . DA  B 1 6  ? 0.618   1.772   1.951   1.00 9.04  ? 18 DA  B C2    1 
ATOM   365 N  N3    . DA  B 1 6  ? 1.684   1.861   2.721   1.00 11.89 ? 18 DA  B N3    1 
ATOM   366 C  C4    . DA  B 1 6  ? 2.823   1.915   1.977   1.00 9.59  ? 18 DA  B C4    1 
HETATM 367 P  P     . T48 B 1 7  ? 5.368   0.311   7.670   1.00 31.82 ? 19 T48 B P     1 
HETATM 368 O  O1P   . T48 B 1 7  ? 5.425   0.799   9.071   1.00 33.60 ? 19 T48 B O1P   1 
HETATM 369 O  O2P   . T48 B 1 7  ? 6.482   -0.473  7.079   1.00 31.59 ? 19 T48 B O2P   1 
HETATM 370 O  "O5'" . T48 B 1 7  ? 3.982   -0.451  7.538   1.00 29.65 ? 19 T48 B "O5'" 1 
HETATM 371 C  "C5'" . T48 B 1 7  ? 2.738   0.095   8.003   1.00 28.72 ? 19 T48 B "C5'" 1 
HETATM 372 C  "C4'" . T48 B 1 7  ? 1.542   -0.501  7.207   1.00 28.31 ? 19 T48 B "C4'" 1 
HETATM 373 C  "C3'" . T48 B 1 7  ? 1.571   -2.039  7.270   1.00 26.77 ? 19 T48 B "C3'" 1 
HETATM 374 O  "O3'" . T48 B 1 7  ? 0.276   -2.507  7.485   1.00 30.14 ? 19 T48 B "O3'" 1 
HETATM 375 C  "C2'" . T48 B 1 7  ? 1.877   -2.459  5.869   1.00 25.76 ? 19 T48 B "C2'" 1 
HETATM 376 C  "C1'" . T48 B 1 7  ? 1.154   -1.445  5.010   1.00 24.26 ? 19 T48 B "C1'" 1 
HETATM 377 N  N1    . T48 B 1 7  ? 1.607   -1.511  3.607   1.00 19.60 ? 19 T48 B N1    1 
HETATM 378 C  C2    . T48 B 1 7  ? 0.636   -1.512  2.667   1.00 17.76 ? 19 T48 B C2    1 
HETATM 379 O  O2    . T48 B 1 7  ? -0.552  -1.470  2.966   1.00 17.79 ? 19 T48 B O2    1 
HETATM 380 N  N3    . T48 B 1 7  ? 1.087   -1.562  1.375   1.00 15.13 ? 19 T48 B N3    1 
HETATM 381 C  C4    . T48 B 1 7  ? 2.406   -1.626  0.960   1.00 13.84 ? 19 T48 B C4    1 
HETATM 382 O  O4    . T48 B 1 7  ? 2.689   -1.650  -0.236  1.00 15.53 ? 19 T48 B O4    1 
HETATM 383 C  C5    . T48 B 1 7  ? 3.347   -1.650  2.022   1.00 13.90 ? 19 T48 B C5    1 
HETATM 384 C  C5M   . T48 B 1 7  ? 4.833   -1.714  1.740   1.00 14.35 ? 19 T48 B C5M   1 
HETATM 385 C  C     . T48 B 1 7  ? 1.546   -0.129  5.705   1.00 26.19 ? 19 T48 B C     1 
HETATM 386 C  C6    . T48 B 1 7  ? 2.932   -1.581  3.276   1.00 18.12 ? 19 T48 B C6    1 
HETATM 387 O  O     . T48 B 1 7  ? 0.675   0.989   5.452   1.00 28.02 ? 19 T48 B O     1 
HETATM 388 P  P     . T48 B 1 8  ? -0.182  -3.281  8.777   1.00 31.20 ? 20 T48 B P     1 
HETATM 389 O  O1P   . T48 B 1 8  ? -0.753  -2.329  9.751   1.00 33.22 ? 20 T48 B O1P   1 
HETATM 390 O  O2P   . T48 B 1 8  ? 0.861   -4.263  9.138   1.00 31.32 ? 20 T48 B O2P   1 
HETATM 391 O  "O5'" . T48 B 1 8  ? -1.365  -4.114  8.133   1.00 30.42 ? 20 T48 B "O5'" 1 
HETATM 392 C  "C5'" . T48 B 1 8  ? -2.585  -3.518  7.696   1.00 28.86 ? 20 T48 B "C5'" 1 
HETATM 393 C  "C4'" . T48 B 1 8  ? -2.987  -4.062  6.339   1.00 26.24 ? 20 T48 B "C4'" 1 
HETATM 394 C  "C3'" . T48 B 1 8  ? -2.932  -5.568  6.422   1.00 26.21 ? 20 T48 B "C3'" 1 
HETATM 395 O  "O3'" . T48 B 1 8  ? -4.247  -5.902  6.106   1.00 30.42 ? 20 T48 B "O3'" 1 
HETATM 396 C  "C2'" . T48 B 1 8  ? -2.015  -5.976  5.321   1.00 23.66 ? 20 T48 B "C2'" 1 
HETATM 397 C  "C1'" . T48 B 1 8  ? -2.134  -4.894  4.310   1.00 21.16 ? 20 T48 B "C1'" 1 
HETATM 398 N  N1    . T48 B 1 8  ? -1.016  -4.954  3.383   1.00 18.54 ? 20 T48 B N1    1 
HETATM 399 C  C2    . T48 B 1 8  ? -1.340  -4.916  2.062   1.00 17.52 ? 20 T48 B C2    1 
HETATM 400 O  O2    . T48 B 1 8  ? -2.500  -4.840  1.644   1.00 22.04 ? 20 T48 B O2    1 
HETATM 401 N  N3    . T48 B 1 8  ? -0.278  -4.973  1.209   1.00 17.42 ? 20 T48 B N3    1 
HETATM 402 C  C4    . T48 B 1 8  ? 1.051   -5.054  1.541   1.00 15.98 ? 20 T48 B C4    1 
HETATM 403 O  O4    . T48 B 1 8  ? 1.907   -5.076  0.667   1.00 19.46 ? 20 T48 B O4    1 
HETATM 404 C  C5    . T48 B 1 8  ? 1.295   -5.114  2.945   1.00 16.93 ? 20 T48 B C5    1 
HETATM 405 C  C5M   . T48 B 1 8  ? 2.724   -5.217  3.444   1.00 18.13 ? 20 T48 B C5M   1 
HETATM 406 C  C     . T48 B 1 8  ? -2.110  -3.636  5.164   1.00 24.64 ? 20 T48 B C     1 
HETATM 407 C  C6    . T48 B 1 8  ? 0.279   -5.065  3.807   1.00 16.99 ? 20 T48 B C6    1 
HETATM 408 O  O     . T48 B 1 8  ? -2.590  -2.416  4.548   1.00 25.01 ? 20 T48 B O     1 
ATOM   409 P  P     . DC  B 1 9  ? -5.040  -7.230  6.451   1.00 31.97 ? 21 DC  B P     1 
ATOM   410 O  OP1   . DC  B 1 9  ? -6.317  -6.786  7.057   1.00 31.68 ? 21 DC  B OP1   1 
ATOM   411 O  OP2   . DC  B 1 9  ? -4.151  -8.225  7.104   1.00 35.13 ? 21 DC  B OP2   1 
ATOM   412 O  "O5'" . DC  B 1 9  ? -5.251  -7.731  4.974   1.00 31.13 ? 21 DC  B "O5'" 1 
ATOM   413 C  "C5'" . DC  B 1 9  ? -6.264  -7.172  4.137   1.00 29.01 ? 21 DC  B "C5'" 1 
ATOM   414 C  "C4'" . DC  B 1 9  ? -6.149  -7.812  2.793   1.00 27.62 ? 21 DC  B "C4'" 1 
ATOM   415 O  "O4'" . DC  B 1 9  ? -4.839  -7.526  2.307   1.00 26.70 ? 21 DC  B "O4'" 1 
ATOM   416 C  "C3'" . DC  B 1 9  ? -6.246  -9.305  2.931   1.00 27.27 ? 21 DC  B "C3'" 1 
ATOM   417 O  "O3'" . DC  B 1 9  ? -7.481  -9.709  2.393   1.00 29.77 ? 21 DC  B "O3'" 1 
ATOM   418 C  "C2'" . DC  B 1 9  ? -5.049  -9.813  2.196   1.00 26.63 ? 21 DC  B "C2'" 1 
ATOM   419 C  "C1'" . DC  B 1 9  ? -4.457  -8.639  1.527   1.00 24.05 ? 21 DC  B "C1'" 1 
ATOM   420 N  N1    . DC  B 1 9  ? -2.995  -8.614  1.528   1.00 22.62 ? 21 DC  B N1    1 
ATOM   421 C  C2    . DC  B 1 9  ? -2.386  -8.467  0.304   1.00 21.04 ? 21 DC  B C2    1 
ATOM   422 O  O2    . DC  B 1 9  ? -2.999  -8.431  -0.763  1.00 21.38 ? 21 DC  B O2    1 
ATOM   423 N  N3    . DC  B 1 9  ? -1.049  -8.394  0.276   1.00 22.44 ? 21 DC  B N3    1 
ATOM   424 C  C4    . DC  B 1 9  ? -0.316  -8.446  1.380   1.00 19.45 ? 21 DC  B C4    1 
ATOM   425 N  N4    . DC  B 1 9  ? 1.002   -8.371  1.219   1.00 19.66 ? 21 DC  B N4    1 
ATOM   426 C  C5    . DC  B 1 9  ? -0.924  -8.588  2.657   1.00 19.62 ? 21 DC  B C5    1 
ATOM   427 C  C6    . DC  B 1 9  ? -2.270  -8.658  2.682   1.00 21.55 ? 21 DC  B C6    1 
ATOM   428 P  P     . DG  B 1 10 ? -8.101  -11.154 2.564   1.00 30.22 ? 22 DG  B P     1 
ATOM   429 O  OP1   . DG  B 1 10 ? -9.569  -10.996 2.485   1.00 32.00 ? 22 DG  B OP1   1 
ATOM   430 O  OP2   . DG  B 1 10 ? -7.501  -11.895 3.704   1.00 32.41 ? 22 DG  B OP2   1 
ATOM   431 O  "O5'" . DG  B 1 10 ? -7.609  -11.866 1.263   1.00 30.91 ? 22 DG  B "O5'" 1 
ATOM   432 C  "C5'" . DG  B 1 10 ? -7.937  -11.523 -0.084  1.00 28.78 ? 22 DG  B "C5'" 1 
ATOM   433 C  "C4'" . DG  B 1 10 ? -7.068  -12.307 -1.090  1.00 26.78 ? 22 DG  B "C4'" 1 
ATOM   434 O  "O4'" . DG  B 1 10 ? -5.684  -11.921 -1.055  1.00 25.46 ? 22 DG  B "O4'" 1 
ATOM   435 C  "C3'" . DG  B 1 10 ? -7.070  -13.764 -0.737  1.00 27.49 ? 22 DG  B "C3'" 1 
ATOM   436 O  "O3'" . DG  B 1 10 ? -6.961  -14.524 -1.930  1.00 33.04 ? 22 DG  B "O3'" 1 
ATOM   437 C  "C2'" . DG  B 1 10 ? -5.757  -13.899 -0.012  1.00 24.04 ? 22 DG  B "C2'" 1 
ATOM   438 C  "C1'" . DG  B 1 10 ? -4.857  -13.036 -0.851  1.00 21.02 ? 22 DG  B "C1'" 1 
ATOM   439 N  N9    . DG  B 1 10 ? -3.635  -12.671 -0.165  1.00 16.99 ? 22 DG  B N9    1 
ATOM   440 C  C8    . DG  B 1 10 ? -3.372  -12.631 1.184   1.00 15.70 ? 22 DG  B C8    1 
ATOM   441 N  N7    . DG  B 1 10 ? -2.152  -12.273 1.483   1.00 14.40 ? 22 DG  B N7    1 
ATOM   442 C  C5    . DG  B 1 10 ? -1.591  -12.070 0.249   1.00 13.45 ? 22 DG  B C5    1 
ATOM   443 C  C6    . DG  B 1 10 ? -0.320  -11.658 -0.032  1.00 14.29 ? 22 DG  B C6    1 
ATOM   444 O  O6    . DG  B 1 10 ? 0.549   -11.411 0.797   1.00 17.37 ? 22 DG  B O6    1 
ATOM   445 N  N1    . DG  B 1 10 ? -0.111  -11.546 -1.399  1.00 14.41 ? 22 DG  B N1    1 
ATOM   446 C  C2    . DG  B 1 10 ? -1.051  -11.809 -2.352  1.00 13.63 ? 22 DG  B C2    1 
ATOM   447 N  N2    . DG  B 1 10 ? -0.675  -11.666 -3.601  1.00 17.15 ? 22 DG  B N2    1 
ATOM   448 N  N3    . DG  B 1 10 ? -2.281  -12.193 -2.093  1.00 14.39 ? 22 DG  B N3    1 
ATOM   449 C  C4    . DG  B 1 10 ? -2.477  -12.305 -0.769  1.00 15.76 ? 22 DG  B C4    1 
ATOM   450 P  P     . DC  B 1 11 ? -8.044  -15.582 -2.449  1.00 35.35 ? 23 DC  B P     1 
ATOM   451 O  OP1   . DC  B 1 11 ? -9.240  -14.802 -2.836  1.00 36.67 ? 23 DC  B OP1   1 
ATOM   452 O  OP2   . DC  B 1 11 ? -8.141  -16.725 -1.514  1.00 34.84 ? 23 DC  B OP2   1 
ATOM   453 O  "O5'" . DC  B 1 11 ? -7.193  -16.052 -3.699  1.00 34.10 ? 23 DC  B "O5'" 1 
ATOM   454 C  "C5'" . DC  B 1 11 ? -7.024  -15.233 -4.861  1.00 32.40 ? 23 DC  B "C5'" 1 
ATOM   455 C  "C4'" . DC  B 1 11 ? -5.621  -15.308 -5.468  1.00 30.63 ? 23 DC  B "C4'" 1 
ATOM   456 O  "O4'" . DC  B 1 11 ? -4.659  -14.704 -4.621  1.00 29.49 ? 23 DC  B "O4'" 1 
ATOM   457 C  "C3'" . DC  B 1 11 ? -5.157  -16.714 -5.732  1.00 29.50 ? 23 DC  B "C3'" 1 
ATOM   458 O  "O3'" . DC  B 1 11 ? -5.564  -17.120 -7.031  1.00 31.77 ? 23 DC  B "O3'" 1 
ATOM   459 C  "C2'" . DC  B 1 11 ? -3.687  -16.505 -5.734  1.00 29.13 ? 23 DC  B "C2'" 1 
ATOM   460 C  "C1'" . DC  B 1 11 ? -3.439  -15.415 -4.759  1.00 26.07 ? 23 DC  B "C1'" 1 
ATOM   461 N  N1    . DC  B 1 11 ? -2.884  -15.650 -3.416  1.00 20.92 ? 23 DC  B N1    1 
ATOM   462 C  C2    . DC  B 1 11 ? -1.572  -15.337 -3.280  1.00 18.37 ? 23 DC  B C2    1 
ATOM   463 O  O2    . DC  B 1 11 ? -0.914  -14.996 -4.251  1.00 20.84 ? 23 DC  B O2    1 
ATOM   464 N  N3    . DC  B 1 11 ? -0.977  -15.428 -2.063  1.00 16.38 ? 23 DC  B N3    1 
ATOM   465 C  C4    . DC  B 1 11 ? -1.698  -15.794 -1.001  1.00 15.31 ? 23 DC  B C4    1 
ATOM   466 N  N4    . DC  B 1 11 ? -1.079  -15.840 0.172   1.00 16.84 ? 23 DC  B N4    1 
ATOM   467 C  C5    . DC  B 1 11 ? -3.085  -16.143 -1.108  1.00 17.77 ? 23 DC  B C5    1 
ATOM   468 C  C6    . DC  B 1 11 ? -3.640  -16.050 -2.342  1.00 18.24 ? 23 DC  B C6    1 
ATOM   469 P  P     . DG  B 1 12 ? -5.473  -18.655 -7.488  1.00 34.95 ? 24 DG  B P     1 
ATOM   470 O  OP1   . DG  B 1 12 ? -6.336  -18.753 -8.680  1.00 37.22 ? 24 DG  B OP1   1 
ATOM   471 O  OP2   . DG  B 1 12 ? -5.728  -19.544 -6.324  1.00 32.76 ? 24 DG  B OP2   1 
ATOM   472 O  "O5'" . DG  B 1 12 ? -3.952  -18.958 -7.922  1.00 31.04 ? 24 DG  B "O5'" 1 
ATOM   473 C  "C5'" . DG  B 1 12 ? -3.282  -18.440 -9.044  1.00 25.16 ? 24 DG  B "C5'" 1 
ATOM   474 C  "C4'" . DG  B 1 12 ? -1.813  -18.546 -8.722  1.00 26.10 ? 24 DG  B "C4'" 1 
ATOM   475 O  "O4'" . DG  B 1 12 ? -1.469  -17.803 -7.537  1.00 24.96 ? 24 DG  B "O4'" 1 
ATOM   476 C  "C3'" . DG  B 1 12 ? -1.417  -19.968 -8.403  1.00 23.44 ? 24 DG  B "C3'" 1 
ATOM   477 O  "O3'" . DG  B 1 12 ? -1.201  -20.615 -9.623  1.00 26.56 ? 24 DG  B "O3'" 1 
ATOM   478 C  "C2'" . DG  B 1 12 ? -0.115  -19.747 -7.713  1.00 23.28 ? 24 DG  B "C2'" 1 
ATOM   479 C  "C1'" . DG  B 1 12 ? -0.304  -18.430 -6.974  1.00 21.45 ? 24 DG  B "C1'" 1 
ATOM   480 N  N9    . DG  B 1 12 ? -0.559  -18.640 -5.555  1.00 18.01 ? 24 DG  B N9    1 
ATOM   481 C  C8    . DG  B 1 12 ? -1.720  -19.020 -4.963  1.00 16.49 ? 24 DG  B C8    1 
ATOM   482 N  N7    . DG  B 1 12 ? -1.657  -19.117 -3.670  1.00 15.33 ? 24 DG  B N7    1 
ATOM   483 C  C5    . DG  B 1 12 ? -0.336  -18.789 -3.405  1.00 13.90 ? 24 DG  B C5    1 
ATOM   484 C  C6    . DG  B 1 12 ? 0.285   -18.694 -2.168  1.00 14.50 ? 24 DG  B C6    1 
ATOM   485 O  O6    . DG  B 1 12 ? -0.255  -18.937 -1.100  1.00 18.23 ? 24 DG  B O6    1 
ATOM   486 N  N1    . DG  B 1 12 ? 1.598   -18.277 -2.281  1.00 13.59 ? 24 DG  B N1    1 
ATOM   487 C  C2    . DG  B 1 12 ? 2.233   -18.020 -3.484  1.00 14.26 ? 24 DG  B C2    1 
ATOM   488 N  N2    . DG  B 1 12 ? 3.521   -17.683 -3.473  1.00 16.37 ? 24 DG  B N2    1 
ATOM   489 N  N3    . DG  B 1 12 ? 1.625   -18.088 -4.664  1.00 14.47 ? 24 DG  B N3    1 
ATOM   490 C  C4    . DG  B 1 12 ? 0.340   -18.480 -4.540  1.00 14.92 ? 24 DG  B C4    1 
HETATM 491 MG MG    . MG  C 2 .  ? -10.422 -0.299  -7.774  1.00 26.40 ? 25 MG  A MG    1 
HETATM 492 O  O     . HOH D 3 .  ? -10.726 1.692   -8.501  1.00 23.10 ? 26 HOH A O     1 
HETATM 493 O  O     . HOH D 3 .  ? -12.149 -0.300  -6.488  1.00 17.25 ? 27 HOH A O     1 
HETATM 494 O  O     . HOH D 3 .  ? -8.579  -0.359  -8.886  1.00 25.80 ? 28 HOH A O     1 
HETATM 495 O  O     . HOH D 3 .  ? -9.231  0.240   -6.032  1.00 38.24 ? 29 HOH A O     1 
HETATM 496 O  O     . HOH D 3 .  ? -10.166 -2.333  -6.994  1.00 43.68 ? 30 HOH A O     1 
HETATM 497 O  O     . HOH D 3 .  ? -11.623 -1.053  -9.347  1.00 31.05 ? 31 HOH A O     1 
HETATM 498 O  O     . HOH D 3 .  ? 0.530   3.822   5.887   1.00 42.89 ? 36 HOH A O     1 
HETATM 499 O  O     . HOH D 3 .  ? -8.031  2.526   -3.097  1.00 26.20 ? 39 HOH A O     1 
HETATM 500 O  O     . HOH D 3 .  ? -12.580 -1.816  -4.282  1.00 31.24 ? 40 HOH A O     1 
HETATM 501 O  O     . HOH D 3 .  ? 5.412   -6.249  -3.995  1.00 54.80 ? 42 HOH A O     1 
HETATM 502 O  O     . HOH D 3 .  ? 7.347   -7.485  -2.444  1.00 50.45 ? 43 HOH A O     1 
HETATM 503 O  O     . HOH D 3 .  ? 5.301   -9.442  1.596   1.00 45.94 ? 45 HOH A O     1 
HETATM 504 O  O     . HOH D 3 .  ? -0.174  -16.504 4.254   1.00 39.62 ? 48 HOH A O     1 
HETATM 505 O  O     . HOH D 3 .  ? 8.422   17.654  7.889   1.00 33.93 ? 51 HOH A O     1 
HETATM 506 O  O     . HOH D 3 .  ? -7.849  3.222   11.283  1.00 51.86 ? 53 HOH A O     1 
HETATM 507 O  O     . HOH D 3 .  ? -6.537  5.057   -4.186  1.00 53.73 ? 55 HOH A O     1 
HETATM 508 O  O     . HOH D 3 .  ? -0.235  -0.097  -6.142  1.00 48.84 ? 56 HOH A O     1 
HETATM 509 O  O     . HOH D 3 .  ? -4.815  0.052   -7.179  1.00 28.53 ? 57 HOH A O     1 
HETATM 510 O  O     . HOH D 3 .  ? 3.179   -3.427  -4.706  1.00 45.27 ? 58 HOH A O     1 
HETATM 511 O  O     . HOH D 3 .  ? -15.387 -2.988  3.089   1.00 40.69 ? 59 HOH A O     1 
HETATM 512 O  O     . HOH D 3 .  ? -5.487  -8.637  -5.314  1.00 58.86 ? 60 HOH A O     1 
HETATM 513 O  O     . HOH D 3 .  ? 3.378   9.828   5.376   1.00 49.91 ? 62 HOH A O     1 
HETATM 514 O  O     . HOH D 3 .  ? -4.376  11.764  6.457   1.00 54.48 ? 63 HOH A O     1 
HETATM 515 O  O     . HOH D 3 .  ? 3.880   7.066   5.645   1.00 50.77 ? 65 HOH A O     1 
HETATM 516 O  O     . HOH D 3 .  ? -8.505  4.858   -1.089  1.00 30.10 ? 66 HOH A O     1 
HETATM 517 O  O     . HOH D 3 .  ? -2.234  0.768   6.441   1.00 39.24 ? 67 HOH A O     1 
HETATM 518 O  O     . HOH D 3 .  ? -6.760  1.415   -5.907  1.00 34.44 ? 68 HOH A O     1 
HETATM 519 O  O     . HOH D 3 .  ? -9.788  -5.638  -10.406 1.00 46.65 ? 69 HOH A O     1 
HETATM 520 O  O     . HOH D 3 .  ? -12.506 -1.968  0.640   1.00 57.26 ? 70 HOH A O     1 
HETATM 521 O  O     . HOH D 3 .  ? 11.438  -10.530 -8.218  1.00 33.68 ? 74 HOH A O     1 
HETATM 522 O  O     . HOH D 3 .  ? 11.245  20.649  3.598   1.00 42.33 ? 76 HOH A O     1 
HETATM 523 O  O     . HOH D 3 .  ? -5.291  -6.647  -3.347  1.00 40.02 ? 77 HOH A O     1 
HETATM 524 O  O     . HOH D 3 .  ? -4.433  -10.821 -4.158  1.00 40.88 ? 78 HOH A O     1 
HETATM 525 O  O     . HOH D 3 .  ? 13.759  16.370  3.313   1.00 50.40 ? 82 HOH A O     1 
HETATM 526 O  O     . HOH D 3 .  ? -1.750  16.508  7.696   1.00 59.55 ? 83 HOH A O     1 
HETATM 527 O  O     . HOH D 3 .  ? -3.672  2.004   10.704  1.00 52.93 ? 85 HOH A O     1 
HETATM 528 O  O     . HOH D 3 .  ? -4.318  -7.894  -15.850 1.00 56.99 ? 86 HOH A O     1 
HETATM 529 O  O     . HOH D 3 .  ? -10.558 -1.744  4.430   1.00 46.33 ? 87 HOH A O     1 
HETATM 530 O  O     . HOH D 3 .  ? -10.753 -7.944  -8.631  1.00 54.97 ? 88 HOH A O     1 
HETATM 531 O  O     . HOH D 3 .  ? -2.350  -6.932  -13.414 1.00 59.32 ? 90 HOH A O     1 
HETATM 532 O  O     . HOH E 3 .  ? -3.874  14.652  4.099   1.00 50.91 ? 32 HOH B O     1 
HETATM 533 O  O     . HOH E 3 .  ? 8.136   6.997   6.898   1.00 53.12 ? 33 HOH B O     1 
HETATM 534 O  O     . HOH E 3 .  ? -0.288  9.746   -6.229  1.00 41.44 ? 34 HOH B O     1 
HETATM 535 O  O     . HOH E 3 .  ? -2.504  8.625   -2.857  1.00 28.57 ? 35 HOH B O     1 
HETATM 536 O  O     . HOH E 3 .  ? 1.873   4.872   -3.995  1.00 44.33 ? 37 HOH B O     1 
HETATM 537 O  O     . HOH E 3 .  ? 4.113   2.217   -3.208  1.00 55.55 ? 38 HOH B O     1 
HETATM 538 O  O     . HOH E 3 .  ? 4.496   -6.614  -0.378  1.00 38.35 ? 41 HOH B O     1 
HETATM 539 O  O     . HOH E 3 .  ? 2.713   -8.886  3.827   1.00 31.15 ? 44 HOH B O     1 
HETATM 540 O  O     . HOH E 3 .  ? -11.696 -9.782  3.873   1.00 35.58 ? 46 HOH B O     1 
HETATM 541 O  O     . HOH E 3 .  ? -1.614  -12.272 4.803   1.00 48.72 ? 47 HOH B O     1 
HETATM 542 O  O     . HOH E 3 .  ? -3.392  -16.432 2.421   1.00 54.84 ? 49 HOH B O     1 
HETATM 543 O  O     . HOH E 3 .  ? -4.312  -19.345 -2.517  1.00 35.94 ? 50 HOH B O     1 
HETATM 544 O  O     . HOH E 3 .  ? -6.049  20.917  -5.825  1.00 51.14 ? 52 HOH B O     1 
HETATM 545 O  O     . HOH E 3 .  ? 8.085   0.174   11.987  1.00 57.02 ? 54 HOH B O     1 
HETATM 546 O  O     . HOH E 3 .  ? 0.991   17.419  -8.793  1.00 51.99 ? 61 HOH B O     1 
HETATM 547 O  O     . HOH E 3 .  ? -1.159  -19.997 -12.220 1.00 38.17 ? 64 HOH B O     1 
HETATM 548 O  O     . HOH E 3 .  ? -8.156  -5.028  -0.374  1.00 50.00 ? 71 HOH B O     1 
HETATM 549 O  O     . HOH E 3 .  ? -5.255  -5.008  1.061   1.00 42.57 ? 72 HOH B O     1 
HETATM 550 O  O     . HOH E 3 .  ? -0.627  -9.393  6.208   1.00 39.81 ? 73 HOH B O     1 
HETATM 551 O  O     . HOH E 3 .  ? -5.398  -9.031  -1.994  1.00 45.09 ? 75 HOH B O     1 
HETATM 552 O  O     . HOH E 3 .  ? -6.384  -2.661  5.313   1.00 51.89 ? 79 HOH B O     1 
HETATM 553 O  O     . HOH E 3 .  ? 6.684   -4.657  -0.598  1.00 61.20 ? 80 HOH B O     1 
HETATM 554 O  O     . HOH E 3 .  ? 7.739   -0.078  -0.251  1.00 58.87 ? 81 HOH B O     1 
HETATM 555 O  O     . HOH E 3 .  ? -4.613  12.504  -4.540  1.00 51.15 ? 84 HOH B O     1 
HETATM 556 O  O     . HOH E 3 .  ? -8.245  -5.053  6.395   1.00 51.08 ? 89 HOH B O     1 
HETATM 557 O  O     . HOH E 3 .  ? -6.917  -20.919 -4.425  1.00 57.37 ? 91 HOH B O     1 
# 
